data_4IV9
#
_entry.id   4IV9
#
_cell.length_a   111.135
_cell.length_b   122.207
_cell.length_c   76.627
_cell.angle_alpha   90.00
_cell.angle_beta   90.00
_cell.angle_gamma   90.00
#
_symmetry.space_group_name_H-M   'P 21 21 2'
#
loop_
_entity.id
_entity.type
_entity.pdbx_description
1 polymer 'Tryptophan 2-monooxygenase'
2 non-polymer 'FLAVIN-ADENINE DINUCLEOTIDE'
3 non-polymer 2-(1H-INDOL-3-YL)ACETAMIDE
4 non-polymer 'PHOSPHATE ION'
5 non-polymer 1,2-ETHANEDIOL
6 water water
#
_entity_poly.entity_id   1
_entity_poly.type   'polypeptide(L)'
_entity_poly.pdbx_seq_one_letter_code
;MYDHFNSPSIDILYDYGPFLKKCEMTGGIGSYSAGTPTPRVAIVGAGISGLVAATELLRAGVKDVVLYESRDRIGGRVWS
QVFDQTRPRYIAEMGAMRFPPSATGLFHYLKKFGISTSTTFPDPGVVDTELHYRGKRYHWPAGKKPPELFRRVYEGWQSL
LSEGYLLEGGSLVAPLDITAMLKSGRLEEAAIAWQGWLNVFRDCSFYNAIVCIFTGRHPPGGDRWARPEDFELFGSLGIG
SGGFLPVFQAGFTEILRMVINGYQSDQRLIPDGISSLAARLADQSFDGKALRDRVCFSRVGRISREAEKIIIQTEAGEQR
VFDRVIVTSSNRAMQMIHCLTDSESFLSRDVARAVRETHLTGSSKLFILTRTKFWIKNKLPTTIQSDGLVRGVYCLDYQP
DEPEGHGVVLLSYTWEDDAQKMLAMPDKKTRCQVLVDDLAAIHPTFASYLLPVDGDYERYVLHHDWLTDPHSAGAFKLNY
PGEDVYSQRLFFQPMTANSPNKDTGLYLAGCSCSFAGGWIEGAVQTALNSACAVLRSTGGQLSKGNPLDCINASYRY
;
_entity_poly.pdbx_strand_id   A,B
#
# COMPACT_ATOMS: atom_id res chain seq x y z
N ASN A 6 7.35 -28.38 -23.59
CA ASN A 6 8.07 -27.36 -22.83
C ASN A 6 7.17 -26.22 -22.38
N SER A 7 7.51 -25.65 -21.22
CA SER A 7 6.82 -24.48 -20.71
C SER A 7 7.81 -23.33 -20.56
N PRO A 8 8.20 -22.70 -21.67
CA PRO A 8 9.03 -21.50 -21.49
C PRO A 8 8.14 -20.32 -21.09
N SER A 9 8.53 -19.54 -20.08
CA SER A 9 7.69 -18.41 -19.68
C SER A 9 7.73 -17.27 -20.69
N ILE A 10 6.64 -16.50 -20.72
CA ILE A 10 6.42 -15.50 -21.78
C ILE A 10 7.46 -14.37 -21.86
N ASP A 11 7.95 -13.87 -20.73
CA ASP A 11 8.84 -12.70 -20.77
C ASP A 11 10.26 -13.05 -21.18
N ILE A 12 10.62 -14.32 -21.06
CA ILE A 12 11.97 -14.73 -21.41
C ILE A 12 12.02 -15.74 -22.56
N LEU A 13 10.89 -16.36 -22.87
CA LEU A 13 10.82 -17.27 -24.00
C LEU A 13 11.84 -18.39 -23.84
N TYR A 14 12.00 -18.82 -22.60
CA TYR A 14 13.03 -19.76 -22.21
C TYR A 14 12.55 -20.61 -21.04
N ASP A 15 12.84 -21.90 -21.07
CA ASP A 15 12.38 -22.84 -20.03
C ASP A 15 13.59 -23.38 -19.28
N TYR A 16 13.61 -23.21 -17.97
CA TYR A 16 14.73 -23.68 -17.17
C TYR A 16 14.77 -25.20 -17.00
N GLY A 17 13.59 -25.83 -17.14
CA GLY A 17 13.45 -27.26 -16.99
C GLY A 17 14.40 -28.15 -17.79
N PRO A 18 14.38 -28.04 -19.13
CA PRO A 18 15.24 -28.93 -19.94
C PRO A 18 16.73 -28.71 -19.71
N PHE A 19 17.11 -27.47 -19.44
CA PHE A 19 18.49 -27.16 -19.16
C PHE A 19 18.94 -27.86 -17.87
N LEU A 20 18.14 -27.72 -16.81
CA LEU A 20 18.46 -28.36 -15.52
C LEU A 20 18.47 -29.88 -15.67
N LYS A 21 17.61 -30.40 -16.54
CA LYS A 21 17.57 -31.83 -16.77
C LYS A 21 18.88 -32.29 -17.44
N LYS A 22 19.33 -31.51 -18.41
CA LYS A 22 20.52 -31.84 -19.17
C LYS A 22 21.74 -31.74 -18.26
N CYS A 23 21.73 -30.77 -17.36
CA CYS A 23 22.87 -30.53 -16.48
C CYS A 23 22.96 -31.50 -15.30
N GLU A 24 21.83 -32.07 -14.92
CA GLU A 24 21.75 -32.87 -13.68
C GLU A 24 22.84 -33.92 -13.60
N MET A 25 22.90 -34.79 -14.61
CA MET A 25 23.94 -35.82 -14.60
C MET A 25 25.05 -35.59 -15.61
N THR A 26 25.46 -34.33 -15.79
CA THR A 26 26.58 -34.03 -16.68
C THR A 26 27.52 -33.07 -15.97
N GLY A 27 27.31 -32.91 -14.67
CA GLY A 27 28.21 -32.12 -13.86
C GLY A 27 27.84 -30.64 -13.73
N GLY A 28 26.55 -30.37 -13.60
CA GLY A 28 26.12 -29.03 -13.25
C GLY A 28 26.00 -28.07 -14.41
N ILE A 29 25.92 -26.79 -14.07
CA ILE A 29 25.60 -25.76 -15.05
C ILE A 29 26.86 -25.24 -15.75
N GLY A 30 28.02 -25.57 -15.20
CA GLY A 30 29.30 -25.11 -15.73
C GLY A 30 30.49 -25.83 -15.10
N SER A 31 31.68 -25.34 -15.40
CA SER A 31 32.89 -25.99 -14.91
C SER A 31 34.12 -25.12 -15.11
N TYR A 32 35.16 -25.46 -14.35
CA TYR A 32 36.44 -24.78 -14.47
C TYR A 32 37.49 -25.73 -15.02
N SER A 33 38.36 -25.21 -15.87
CA SER A 33 39.47 -26.00 -16.36
C SER A 33 40.45 -26.21 -15.20
N ALA A 34 41.22 -27.29 -15.26
CA ALA A 34 42.35 -27.42 -14.36
C ALA A 34 43.31 -26.30 -14.70
N GLY A 35 43.54 -25.41 -13.74
CA GLY A 35 44.39 -24.25 -14.00
C GLY A 35 43.65 -22.96 -13.75
N THR A 36 42.34 -23.06 -13.55
CA THR A 36 41.55 -21.90 -13.17
C THR A 36 41.07 -22.05 -11.75
N PRO A 37 41.50 -21.13 -10.87
CA PRO A 37 41.05 -21.15 -9.47
C PRO A 37 39.57 -20.73 -9.35
N THR A 38 38.82 -21.43 -8.50
CA THR A 38 37.41 -21.11 -8.26
C THR A 38 37.30 -19.99 -7.24
N PRO A 39 36.24 -19.16 -7.36
CA PRO A 39 36.17 -17.95 -6.53
C PRO A 39 35.61 -18.23 -5.15
N ARG A 40 35.95 -17.36 -4.20
CA ARG A 40 35.32 -17.37 -2.90
C ARG A 40 34.02 -16.58 -3.04
N VAL A 41 32.90 -17.22 -2.74
CA VAL A 41 31.59 -16.60 -2.98
C VAL A 41 30.76 -16.44 -1.72
N ALA A 42 30.15 -15.26 -1.57
CA ALA A 42 29.17 -15.04 -0.51
C ALA A 42 27.78 -14.98 -1.12
N ILE A 43 26.81 -15.57 -0.44
CA ILE A 43 25.42 -15.45 -0.83
C ILE A 43 24.66 -14.90 0.36
N VAL A 44 24.05 -13.74 0.20
CA VAL A 44 23.30 -13.13 1.28
C VAL A 44 21.87 -13.67 1.24
N GLY A 45 21.53 -14.49 2.24
CA GLY A 45 20.17 -15.02 2.33
C GLY A 45 20.08 -16.51 2.07
N ALA A 46 19.50 -17.24 3.02
CA ALA A 46 19.37 -18.69 2.87
C ALA A 46 17.91 -19.12 2.63
N GLY A 47 17.23 -18.38 1.77
CA GLY A 47 15.95 -18.79 1.23
C GLY A 47 16.19 -19.72 0.05
N ILE A 48 15.15 -20.01 -0.70
CA ILE A 48 15.26 -20.95 -1.81
C ILE A 48 16.25 -20.45 -2.87
N SER A 49 16.18 -19.17 -3.22
CA SER A 49 17.08 -18.62 -4.22
C SER A 49 18.54 -18.83 -3.83
N GLY A 50 18.90 -18.41 -2.62
CA GLY A 50 20.25 -18.62 -2.11
C GLY A 50 20.68 -20.07 -2.08
N LEU A 51 19.83 -20.94 -1.55
CA LEU A 51 20.14 -22.36 -1.46
C LEU A 51 20.39 -23.01 -2.83
N VAL A 52 19.58 -22.63 -3.81
CA VAL A 52 19.71 -23.16 -5.18
C VAL A 52 21.02 -22.68 -5.83
N ALA A 53 21.29 -21.39 -5.70
CA ALA A 53 22.52 -20.80 -6.19
C ALA A 53 23.74 -21.49 -5.60
N ALA A 54 23.74 -21.67 -4.28
CA ALA A 54 24.87 -22.33 -3.60
C ALA A 54 25.01 -23.75 -4.14
N THR A 55 23.88 -24.45 -4.22
CA THR A 55 23.81 -25.80 -4.77
C THR A 55 24.50 -25.92 -6.12
N GLU A 56 24.11 -25.09 -7.08
CA GLU A 56 24.68 -25.18 -8.42
C GLU A 56 26.13 -24.67 -8.52
N LEU A 57 26.51 -23.74 -7.65
CA LEU A 57 27.92 -23.33 -7.61
C LEU A 57 28.76 -24.49 -7.09
N LEU A 58 28.29 -25.13 -6.03
CA LEU A 58 29.00 -26.27 -5.46
C LEU A 58 29.07 -27.44 -6.46
N ARG A 59 27.97 -27.65 -7.17
CA ARG A 59 27.90 -28.69 -8.20
C ARG A 59 28.89 -28.43 -9.34
N ALA A 60 29.14 -27.16 -9.63
CA ALA A 60 30.02 -26.78 -10.73
C ALA A 60 31.45 -26.75 -10.26
N GLY A 61 31.66 -27.02 -8.98
CA GLY A 61 33.00 -27.13 -8.45
C GLY A 61 33.59 -25.88 -7.80
N VAL A 62 32.76 -24.88 -7.52
CA VAL A 62 33.18 -23.78 -6.64
C VAL A 62 33.22 -24.31 -5.22
N LYS A 63 34.38 -24.31 -4.59
CA LYS A 63 34.49 -25.02 -3.32
C LYS A 63 34.19 -24.13 -2.12
N ASP A 64 34.44 -22.84 -2.28
CA ASP A 64 34.33 -21.92 -1.16
C ASP A 64 33.11 -21.03 -1.36
N VAL A 65 31.98 -21.45 -0.83
CA VAL A 65 30.79 -20.61 -0.82
C VAL A 65 30.16 -20.59 0.56
N VAL A 66 29.93 -19.38 1.07
CA VAL A 66 29.26 -19.23 2.36
C VAL A 66 27.95 -18.45 2.21
N LEU A 67 26.92 -18.89 2.93
CA LEU A 67 25.62 -18.22 2.90
C LEU A 67 25.39 -17.51 4.22
N TYR A 68 24.92 -16.27 4.14
CA TYR A 68 24.57 -15.53 5.34
C TYR A 68 23.05 -15.51 5.51
N GLU A 69 22.60 -15.53 6.76
CA GLU A 69 21.16 -15.56 7.03
C GLU A 69 20.83 -14.81 8.32
N SER A 70 19.92 -13.86 8.24
CA SER A 70 19.57 -13.01 9.38
C SER A 70 18.54 -13.65 10.31
N ARG A 71 17.73 -14.57 9.78
CA ARG A 71 16.71 -15.21 10.62
C ARG A 71 17.30 -16.30 11.50
N ASP A 72 16.45 -16.89 12.33
CA ASP A 72 16.84 -17.99 13.20
C ASP A 72 16.67 -19.34 12.48
N ARG A 73 16.43 -19.26 11.18
CA ARG A 73 16.10 -20.43 10.38
C ARG A 73 16.41 -20.15 8.92
N ILE A 74 16.52 -21.22 8.16
CA ILE A 74 16.67 -21.22 6.71
C ILE A 74 15.29 -21.22 6.05
N GLY A 75 15.18 -20.73 4.81
CA GLY A 75 13.96 -20.89 4.04
C GLY A 75 13.23 -19.62 3.68
N GLY A 76 13.45 -18.56 4.46
CA GLY A 76 12.86 -17.26 4.18
C GLY A 76 11.35 -17.29 4.07
N ARG A 77 10.84 -16.89 2.90
CA ARG A 77 9.39 -16.80 2.69
C ARG A 77 8.77 -18.18 2.43
N VAL A 78 9.61 -19.20 2.37
CA VAL A 78 9.14 -20.58 2.52
C VAL A 78 9.20 -20.93 4.01
N TRP A 79 8.05 -21.22 4.60
CA TRP A 79 7.97 -21.40 6.04
C TRP A 79 6.79 -22.25 6.44
N SER A 80 6.99 -23.57 6.50
CA SER A 80 5.96 -24.48 6.99
C SER A 80 6.02 -24.54 8.53
N GLN A 81 5.38 -23.59 9.19
CA GLN A 81 5.45 -23.49 10.64
C GLN A 81 4.62 -24.57 11.34
N VAL A 82 5.21 -25.16 12.36
CA VAL A 82 4.55 -26.23 13.11
C VAL A 82 3.86 -25.63 14.33
N PHE A 83 2.59 -26.00 14.57
CA PHE A 83 1.84 -25.51 15.73
C PHE A 83 2.42 -26.03 17.04
N ASP A 84 2.80 -27.30 16.99
CA ASP A 84 3.01 -28.13 18.17
C ASP A 84 3.88 -29.30 17.78
N GLN A 85 5.12 -29.29 18.27
CA GLN A 85 6.13 -30.27 17.86
C GLN A 85 5.81 -31.70 18.32
N THR A 86 4.86 -31.81 19.24
CA THR A 86 4.34 -33.11 19.69
C THR A 86 3.48 -33.70 18.57
N ARG A 87 2.95 -32.83 17.72
CA ARG A 87 2.09 -33.23 16.60
C ARG A 87 2.56 -32.51 15.32
N PRO A 88 3.78 -32.83 14.87
CA PRO A 88 4.49 -32.03 13.85
C PRO A 88 3.90 -32.09 12.45
N ARG A 89 2.97 -33.01 12.18
CA ARG A 89 2.41 -33.11 10.83
C ARG A 89 1.42 -31.96 10.56
N TYR A 90 1.00 -31.27 11.61
CA TYR A 90 0.07 -30.17 11.39
C TYR A 90 0.84 -28.87 11.24
N ILE A 91 0.81 -28.33 10.03
CA ILE A 91 1.65 -27.19 9.69
C ILE A 91 0.84 -26.02 9.17
N ALA A 92 1.39 -24.82 9.31
CA ALA A 92 0.76 -23.61 8.81
C ALA A 92 1.70 -23.02 7.76
N GLU A 93 1.28 -23.03 6.50
CA GLU A 93 2.13 -22.47 5.45
C GLU A 93 2.06 -20.94 5.49
N MET A 94 3.02 -20.34 6.20
CA MET A 94 3.00 -18.89 6.39
C MET A 94 3.27 -18.12 5.11
N GLY A 95 4.11 -18.72 4.24
CA GLY A 95 4.48 -18.08 2.99
C GLY A 95 3.95 -18.85 1.81
N ALA A 96 4.85 -19.38 0.97
CA ALA A 96 4.46 -20.18 -0.19
C ALA A 96 3.55 -21.35 0.20
N MET A 97 2.58 -21.67 -0.66
CA MET A 97 1.52 -22.58 -0.29
C MET A 97 0.95 -23.39 -1.46
N ARG A 98 0.94 -22.78 -2.65
CA ARG A 98 0.30 -23.37 -3.82
C ARG A 98 1.31 -23.45 -4.96
N PHE A 99 1.40 -24.60 -5.61
CA PHE A 99 2.47 -24.78 -6.59
C PHE A 99 1.98 -25.28 -7.95
N PRO A 100 2.16 -24.44 -8.98
CA PRO A 100 1.70 -24.79 -10.32
C PRO A 100 2.75 -25.59 -11.06
N PRO A 101 2.36 -26.73 -11.65
CA PRO A 101 3.30 -27.56 -12.41
C PRO A 101 4.03 -26.82 -13.55
N SER A 102 3.46 -25.74 -14.06
CA SER A 102 4.09 -24.97 -15.13
C SER A 102 5.39 -24.28 -14.66
N ALA A 103 5.55 -24.16 -13.34
CA ALA A 103 6.79 -23.67 -12.73
C ALA A 103 7.90 -24.73 -12.79
N THR A 104 8.40 -24.97 -14.00
CA THR A 104 9.30 -26.09 -14.26
C THR A 104 10.66 -25.97 -13.58
N GLY A 105 11.03 -24.75 -13.19
CA GLY A 105 12.26 -24.58 -12.44
C GLY A 105 12.04 -25.11 -11.03
N LEU A 106 10.95 -24.68 -10.41
CA LEU A 106 10.61 -25.12 -9.05
C LEU A 106 10.43 -26.62 -9.03
N PHE A 107 9.69 -27.14 -10.01
CA PHE A 107 9.36 -28.57 -10.00
C PHE A 107 10.55 -29.47 -10.29
N HIS A 108 11.58 -28.92 -10.94
CA HIS A 108 12.81 -29.68 -11.14
C HIS A 108 13.35 -30.12 -9.81
N TYR A 109 13.34 -29.22 -8.84
CA TYR A 109 13.92 -29.50 -7.54
C TYR A 109 12.94 -30.30 -6.68
N LEU A 110 11.65 -29.98 -6.78
CA LEU A 110 10.62 -30.75 -6.09
C LEU A 110 10.73 -32.22 -6.50
N LYS A 111 10.82 -32.47 -7.81
CA LYS A 111 10.96 -33.83 -8.33
C LYS A 111 12.24 -34.53 -7.86
N LYS A 112 13.33 -33.78 -7.92
CA LYS A 112 14.65 -34.28 -7.56
C LYS A 112 14.68 -34.80 -6.13
N PHE A 113 14.00 -34.11 -5.23
CA PHE A 113 14.11 -34.41 -3.81
C PHE A 113 12.95 -35.26 -3.32
N GLY A 114 12.05 -35.63 -4.21
CA GLY A 114 10.98 -36.54 -3.85
C GLY A 114 9.92 -35.88 -2.97
N ILE A 115 9.62 -34.64 -3.29
CA ILE A 115 8.64 -33.87 -2.57
C ILE A 115 7.33 -34.02 -3.32
N SER A 116 6.36 -34.71 -2.72
CA SER A 116 5.12 -35.04 -3.42
C SER A 116 4.30 -33.79 -3.74
N THR A 117 3.83 -33.72 -4.98
CA THR A 117 2.95 -32.66 -5.44
C THR A 117 1.73 -33.26 -6.15
N SER A 118 1.36 -34.47 -5.72
CA SER A 118 0.24 -35.18 -6.31
C SER A 118 -1.10 -34.54 -5.96
N THR A 119 -1.20 -33.98 -4.77
CA THR A 119 -2.50 -33.51 -4.28
C THR A 119 -2.84 -32.10 -4.80
N THR A 120 -4.07 -31.90 -5.28
CA THR A 120 -4.44 -30.59 -5.82
C THR A 120 -4.82 -29.63 -4.70
N PHE A 121 -4.39 -28.38 -4.82
CA PHE A 121 -4.70 -27.40 -3.78
C PHE A 121 -6.19 -27.06 -3.83
N PRO A 122 -6.81 -26.89 -2.65
CA PRO A 122 -8.25 -26.60 -2.61
C PRO A 122 -8.58 -25.16 -2.98
N ASP A 123 -8.31 -24.75 -4.23
CA ASP A 123 -8.64 -23.40 -4.68
C ASP A 123 -10.15 -23.19 -4.77
N PRO A 124 -10.60 -21.91 -4.75
CA PRO A 124 -12.01 -21.61 -4.97
C PRO A 124 -12.47 -22.26 -6.26
N GLY A 125 -13.56 -23.03 -6.22
CA GLY A 125 -14.06 -23.68 -7.41
C GLY A 125 -13.51 -25.06 -7.68
N VAL A 126 -12.44 -25.42 -6.99
CA VAL A 126 -11.86 -26.75 -7.14
C VAL A 126 -12.52 -27.72 -6.16
N VAL A 127 -12.71 -27.25 -4.92
CA VAL A 127 -13.43 -27.97 -3.88
C VAL A 127 -14.72 -27.20 -3.61
N ASP A 128 -15.63 -27.76 -2.79
CA ASP A 128 -16.86 -27.05 -2.41
C ASP A 128 -16.54 -25.68 -1.81
N THR A 129 -17.14 -24.64 -2.36
CA THR A 129 -16.78 -23.27 -2.02
C THR A 129 -18.02 -22.43 -1.77
N GLU A 130 -17.90 -21.46 -0.85
CA GLU A 130 -18.91 -20.42 -0.72
C GLU A 130 -18.27 -19.06 -0.97
N LEU A 131 -19.00 -18.20 -1.67
CA LEU A 131 -18.66 -16.80 -1.71
C LEU A 131 -19.62 -16.07 -0.77
N HIS A 132 -19.06 -15.29 0.15
CA HIS A 132 -19.88 -14.45 1.02
C HIS A 132 -19.77 -13.03 0.50
N TYR A 133 -20.90 -12.43 0.14
CA TYR A 133 -20.88 -11.16 -0.56
C TYR A 133 -22.10 -10.32 -0.17
N ARG A 134 -21.85 -9.15 0.40
CA ARG A 134 -22.92 -8.25 0.82
C ARG A 134 -23.92 -8.93 1.76
N GLY A 135 -23.38 -9.71 2.69
CA GLY A 135 -24.15 -10.29 3.77
C GLY A 135 -24.94 -11.52 3.38
N LYS A 136 -24.70 -12.03 2.17
CA LYS A 136 -25.37 -13.26 1.76
C LYS A 136 -24.36 -14.36 1.45
N ARG A 137 -24.82 -15.60 1.45
CA ARG A 137 -23.97 -16.73 1.10
C ARG A 137 -24.29 -17.20 -0.31
N TYR A 138 -23.28 -17.59 -1.07
CA TYR A 138 -23.49 -18.15 -2.41
C TYR A 138 -22.69 -19.45 -2.56
N HIS A 139 -23.36 -20.52 -2.95
CA HIS A 139 -22.73 -21.82 -3.01
CA HIS A 139 -22.73 -21.84 -3.01
C HIS A 139 -22.06 -22.14 -4.35
N TRP A 140 -20.87 -22.71 -4.29
CA TRP A 140 -20.11 -23.02 -5.50
C TRP A 140 -19.63 -24.47 -5.36
N PRO A 141 -20.40 -25.42 -5.92
CA PRO A 141 -20.01 -26.83 -5.79
C PRO A 141 -18.73 -27.11 -6.55
N ALA A 142 -17.97 -28.07 -6.07
CA ALA A 142 -16.68 -28.42 -6.65
C ALA A 142 -16.74 -28.68 -8.15
N GLY A 143 -15.84 -28.07 -8.91
CA GLY A 143 -15.73 -28.35 -10.33
C GLY A 143 -16.85 -27.76 -11.17
N LYS A 144 -17.81 -27.11 -10.54
CA LYS A 144 -18.90 -26.47 -11.25
C LYS A 144 -18.58 -25.01 -11.60
N LYS A 145 -19.46 -24.41 -12.40
CA LYS A 145 -19.37 -22.99 -12.66
C LYS A 145 -19.70 -22.25 -11.36
N PRO A 146 -19.26 -20.99 -11.23
CA PRO A 146 -19.57 -20.23 -10.01
C PRO A 146 -21.07 -19.91 -9.92
N PRO A 147 -21.54 -19.42 -8.77
CA PRO A 147 -22.96 -19.09 -8.61
C PRO A 147 -23.46 -18.10 -9.66
N GLU A 148 -24.77 -18.06 -9.84
CA GLU A 148 -25.37 -17.29 -10.93
C GLU A 148 -25.06 -15.80 -10.85
N LEU A 149 -25.06 -15.25 -9.63
CA LEU A 149 -24.73 -13.84 -9.42
C LEU A 149 -23.41 -13.47 -10.10
N PHE A 150 -22.47 -14.42 -10.10
CA PHE A 150 -21.11 -14.16 -10.57
C PHE A 150 -20.88 -14.66 -11.99
N ARG A 151 -21.91 -15.21 -12.61
CA ARG A 151 -21.74 -15.90 -13.89
C ARG A 151 -21.26 -15.00 -15.04
N ARG A 152 -21.79 -13.78 -15.11
CA ARG A 152 -21.45 -12.88 -16.20
C ARG A 152 -19.95 -12.52 -16.19
N VAL A 153 -19.43 -12.19 -15.02
CA VAL A 153 -18.03 -11.82 -14.90
C VAL A 153 -17.11 -13.04 -15.02
N TYR A 154 -17.57 -14.18 -14.53
CA TYR A 154 -16.86 -15.44 -14.78
C TYR A 154 -16.65 -15.66 -16.27
N GLU A 155 -17.77 -15.72 -16.99
CA GLU A 155 -17.74 -15.96 -18.44
C GLU A 155 -17.05 -14.85 -19.21
N GLY A 156 -17.12 -13.63 -18.68
CA GLY A 156 -16.44 -12.51 -19.30
C GLY A 156 -14.95 -12.73 -19.28
N TRP A 157 -14.43 -13.14 -18.13
CA TRP A 157 -13.00 -13.39 -18.00
C TRP A 157 -12.61 -14.57 -18.87
N GLN A 158 -13.39 -15.64 -18.81
CA GLN A 158 -13.13 -16.82 -19.62
C GLN A 158 -13.10 -16.49 -21.12
N SER A 159 -13.97 -15.59 -21.56
CA SER A 159 -14.00 -15.19 -22.95
C SER A 159 -12.78 -14.35 -23.31
N LEU A 160 -12.35 -13.48 -22.39
CA LEU A 160 -11.14 -12.70 -22.58
C LEU A 160 -9.93 -13.64 -22.77
N LEU A 161 -9.89 -14.70 -21.98
CA LEU A 161 -8.79 -15.64 -22.03
C LEU A 161 -8.77 -16.40 -23.33
N SER A 162 -9.95 -16.75 -23.84
CA SER A 162 -10.00 -17.64 -25.00
C SER A 162 -10.13 -16.89 -26.33
N GLU A 163 -10.67 -15.68 -26.29
CA GLU A 163 -10.85 -14.87 -27.50
C GLU A 163 -9.82 -13.74 -27.63
N GLY A 164 -9.26 -13.29 -26.52
CA GLY A 164 -8.43 -12.10 -26.55
C GLY A 164 -9.28 -10.83 -26.52
N TYR A 165 -8.73 -9.72 -27.01
CA TYR A 165 -9.46 -8.45 -26.94
C TYR A 165 -9.49 -7.76 -28.30
N LEU A 166 -10.70 -7.58 -28.82
CA LEU A 166 -10.87 -6.87 -30.06
C LEU A 166 -10.72 -5.37 -29.85
N LEU A 167 -9.71 -4.78 -30.47
CA LEU A 167 -9.70 -3.32 -30.66
C LEU A 167 -9.18 -2.87 -32.02
N GLU A 168 -9.59 -1.66 -32.36
CA GLU A 168 -9.42 -1.12 -33.71
C GLU A 168 -7.96 -0.91 -34.10
N GLY A 169 -7.15 -0.49 -33.13
CA GLY A 169 -5.73 -0.28 -33.38
C GLY A 169 -4.99 -1.59 -33.65
N GLY A 170 -5.61 -2.72 -33.29
CA GLY A 170 -5.00 -4.04 -33.46
C GLY A 170 -5.38 -5.02 -32.36
N SER A 171 -6.24 -5.97 -32.69
CA SER A 171 -6.75 -6.90 -31.69
C SER A 171 -5.65 -7.76 -31.09
N LEU A 172 -5.83 -8.11 -29.82
CA LEU A 172 -4.78 -8.79 -29.06
C LEU A 172 -5.08 -10.28 -28.94
N VAL A 173 -4.06 -11.07 -29.23
CA VAL A 173 -4.19 -12.53 -29.25
C VAL A 173 -4.68 -13.04 -27.90
N ALA A 174 -5.53 -14.06 -27.96
CA ALA A 174 -6.04 -14.73 -26.77
C ALA A 174 -4.89 -15.25 -25.93
N PRO A 175 -4.91 -14.95 -24.63
CA PRO A 175 -3.88 -15.46 -23.71
C PRO A 175 -3.71 -16.97 -23.82
N LEU A 176 -4.81 -17.71 -23.91
CA LEU A 176 -4.75 -19.16 -24.07
C LEU A 176 -4.07 -19.55 -25.39
N ASP A 177 -4.18 -18.69 -26.40
CA ASP A 177 -3.47 -18.93 -27.66
C ASP A 177 -1.97 -18.66 -27.49
N ILE A 178 -1.61 -17.65 -26.71
CA ILE A 178 -0.20 -17.39 -26.46
C ILE A 178 0.40 -18.52 -25.64
N THR A 179 -0.33 -18.99 -24.64
CA THR A 179 0.11 -20.15 -23.87
C THR A 179 0.35 -21.32 -24.80
N ALA A 180 -0.56 -21.55 -25.75
CA ALA A 180 -0.39 -22.60 -26.75
C ALA A 180 0.88 -22.42 -27.60
N MET A 181 1.17 -21.18 -28.00
CA MET A 181 2.38 -20.92 -28.80
C MET A 181 3.62 -21.24 -28.00
N LEU A 182 3.63 -20.86 -26.73
CA LEU A 182 4.68 -21.22 -25.80
C LEU A 182 4.93 -22.73 -25.76
N LYS A 183 3.89 -23.49 -25.47
CA LYS A 183 3.99 -24.93 -25.35
C LYS A 183 4.42 -25.59 -26.66
N SER A 184 4.04 -25.00 -27.78
CA SER A 184 4.35 -25.61 -29.09
C SER A 184 5.67 -25.09 -29.64
N GLY A 185 6.32 -24.21 -28.89
CA GLY A 185 7.62 -23.70 -29.30
C GLY A 185 7.53 -22.66 -30.40
N ARG A 186 6.37 -22.04 -30.56
CA ARG A 186 6.23 -20.92 -31.48
C ARG A 186 6.58 -19.65 -30.71
N LEU A 187 7.86 -19.48 -30.44
CA LEU A 187 8.34 -18.45 -29.52
C LEU A 187 8.35 -17.05 -30.14
N GLU A 188 8.67 -17.00 -31.43
CA GLU A 188 8.63 -15.74 -32.16
C GLU A 188 7.20 -15.20 -32.25
N GLU A 189 6.25 -16.08 -32.53
CA GLU A 189 4.84 -15.67 -32.64
C GLU A 189 4.31 -15.27 -31.27
N ALA A 190 4.74 -16.00 -30.22
CA ALA A 190 4.36 -15.65 -28.85
C ALA A 190 4.84 -14.27 -28.45
N ALA A 191 6.09 -13.94 -28.80
CA ALA A 191 6.66 -12.65 -28.41
C ALA A 191 5.90 -11.49 -29.04
N ILE A 192 5.55 -11.62 -30.32
CA ILE A 192 4.79 -10.58 -30.99
C ILE A 192 3.46 -10.42 -30.26
N ALA A 193 2.82 -11.54 -29.93
CA ALA A 193 1.52 -11.54 -29.27
C ALA A 193 1.57 -10.78 -27.95
N TRP A 194 2.55 -11.14 -27.12
CA TRP A 194 2.72 -10.51 -25.81
C TRP A 194 3.15 -9.04 -25.91
N GLN A 195 4.03 -8.73 -26.86
CA GLN A 195 4.43 -7.34 -27.05
C GLN A 195 3.21 -6.47 -27.36
N GLY A 196 2.24 -7.06 -28.06
CA GLY A 196 1.01 -6.37 -28.38
C GLY A 196 0.29 -5.95 -27.11
N TRP A 197 0.05 -6.91 -26.22
CA TRP A 197 -0.62 -6.66 -24.95
C TRP A 197 0.14 -5.58 -24.16
N LEU A 198 1.46 -5.72 -24.12
CA LEU A 198 2.31 -4.75 -23.41
C LEU A 198 2.06 -3.33 -23.94
N ASN A 199 2.10 -3.15 -25.26
CA ASN A 199 1.91 -1.84 -25.86
C ASN A 199 0.64 -1.19 -25.35
N VAL A 200 -0.43 -1.97 -25.28
CA VAL A 200 -1.74 -1.43 -24.88
C VAL A 200 -1.89 -1.21 -23.38
N PHE A 201 -1.49 -2.22 -22.59
CA PHE A 201 -1.79 -2.19 -21.16
C PHE A 201 -0.60 -1.99 -20.20
N ARG A 202 0.54 -1.58 -20.73
CA ARG A 202 1.73 -1.40 -19.89
C ARG A 202 1.51 -0.40 -18.77
N ASP A 203 0.75 0.65 -19.07
CA ASP A 203 0.54 1.71 -18.10
C ASP A 203 -0.87 1.65 -17.50
N CYS A 204 -1.52 0.50 -17.62
CA CYS A 204 -2.90 0.31 -17.13
C CYS A 204 -2.97 -0.65 -15.95
N SER A 205 -3.64 -0.22 -14.89
CA SER A 205 -3.91 -1.11 -13.76
C SER A 205 -4.93 -2.19 -14.15
N PHE A 206 -4.91 -3.29 -13.40
CA PHE A 206 -5.89 -4.38 -13.50
C PHE A 206 -7.31 -3.82 -13.64
N TYR A 207 -7.72 -3.02 -12.66
CA TYR A 207 -9.05 -2.41 -12.67
C TYR A 207 -9.30 -1.55 -13.90
N ASN A 208 -8.34 -0.70 -14.25
CA ASN A 208 -8.48 0.21 -15.39
C ASN A 208 -8.63 -0.57 -16.69
N ALA A 209 -7.86 -1.63 -16.83
CA ALA A 209 -7.93 -2.50 -17.99
C ALA A 209 -9.29 -3.20 -18.10
N ILE A 210 -9.70 -3.93 -17.06
CA ILE A 210 -11.00 -4.60 -17.12
C ILE A 210 -12.16 -3.61 -17.32
N VAL A 211 -12.02 -2.40 -16.78
CA VAL A 211 -12.96 -1.32 -17.08
C VAL A 211 -13.04 -1.04 -18.59
N CYS A 212 -11.90 -0.77 -19.23
CA CYS A 212 -11.89 -0.44 -20.67
C CYS A 212 -12.37 -1.61 -21.53
N ILE A 213 -11.96 -2.80 -21.14
CA ILE A 213 -12.26 -4.02 -21.88
C ILE A 213 -13.74 -4.37 -21.82
N PHE A 214 -14.32 -4.34 -20.62
CA PHE A 214 -15.69 -4.82 -20.39
C PHE A 214 -16.80 -3.77 -20.41
N THR A 215 -16.45 -2.49 -20.32
CA THR A 215 -17.46 -1.44 -20.52
C THR A 215 -17.35 -0.79 -21.90
N GLY A 216 -16.39 -1.26 -22.70
CA GLY A 216 -16.13 -0.64 -24.00
C GLY A 216 -17.02 -1.14 -25.12
N ARG A 217 -16.52 -1.01 -26.35
CA ARG A 217 -17.27 -1.39 -27.53
C ARG A 217 -17.20 -2.89 -27.81
N HIS A 218 -16.17 -3.56 -27.28
CA HIS A 218 -16.03 -5.00 -27.52
C HIS A 218 -15.81 -5.78 -26.23
N PRO A 219 -16.85 -5.88 -25.39
CA PRO A 219 -16.73 -6.73 -24.20
C PRO A 219 -16.68 -8.20 -24.61
N PRO A 220 -15.62 -8.91 -24.20
CA PRO A 220 -15.52 -10.36 -24.42
C PRO A 220 -16.76 -11.06 -23.88
N GLY A 221 -17.38 -11.88 -24.72
CA GLY A 221 -18.61 -12.56 -24.35
C GLY A 221 -19.83 -11.77 -24.83
N GLY A 222 -19.60 -10.61 -25.42
CA GLY A 222 -20.68 -9.79 -25.95
C GLY A 222 -21.59 -9.20 -24.89
N ASP A 223 -21.17 -9.32 -23.61
CA ASP A 223 -21.96 -8.84 -22.49
C ASP A 223 -21.19 -7.71 -21.83
N ARG A 224 -21.75 -6.51 -21.79
CA ARG A 224 -21.09 -5.38 -21.12
C ARG A 224 -21.31 -5.44 -19.61
N TRP A 225 -20.27 -5.22 -18.82
CA TRP A 225 -20.39 -5.29 -17.37
C TRP A 225 -20.95 -4.00 -16.83
N ALA A 226 -21.66 -4.08 -15.71
CA ALA A 226 -22.25 -2.92 -15.08
C ALA A 226 -21.24 -2.28 -14.12
N ARG A 227 -21.14 -0.95 -14.15
CA ARG A 227 -20.22 -0.24 -13.29
C ARG A 227 -21.02 0.52 -12.24
N PRO A 228 -20.73 0.30 -10.95
CA PRO A 228 -19.61 -0.50 -10.40
C PRO A 228 -19.93 -1.96 -10.10
N GLU A 229 -21.21 -2.34 -10.22
CA GLU A 229 -21.70 -3.62 -9.72
C GLU A 229 -20.85 -4.82 -10.11
N ASP A 230 -20.60 -4.99 -11.41
CA ASP A 230 -19.90 -6.18 -11.88
C ASP A 230 -18.43 -6.23 -11.50
N PHE A 231 -17.83 -5.06 -11.31
CA PHE A 231 -16.43 -5.02 -10.87
C PHE A 231 -16.29 -5.39 -9.40
N GLU A 232 -17.35 -5.14 -8.62
CA GLU A 232 -17.38 -5.60 -7.24
C GLU A 232 -17.53 -7.12 -7.19
N LEU A 233 -18.33 -7.66 -8.10
CA LEU A 233 -18.53 -9.11 -8.13
C LEU A 233 -17.23 -9.78 -8.51
N PHE A 234 -16.61 -9.26 -9.56
CA PHE A 234 -15.38 -9.84 -10.08
C PHE A 234 -14.22 -9.73 -9.08
N GLY A 235 -14.19 -8.61 -8.34
CA GLY A 235 -13.23 -8.42 -7.28
C GLY A 235 -13.34 -9.50 -6.22
N SER A 236 -14.55 -10.00 -6.01
CA SER A 236 -14.78 -11.09 -5.08
C SER A 236 -14.51 -12.46 -5.72
N LEU A 237 -14.80 -12.58 -7.02
CA LEU A 237 -14.68 -13.87 -7.72
C LEU A 237 -13.22 -14.24 -7.95
N GLY A 238 -12.48 -13.34 -8.59
CA GLY A 238 -11.08 -13.57 -8.88
C GLY A 238 -10.90 -14.46 -10.09
N ILE A 239 -9.68 -14.98 -10.28
CA ILE A 239 -9.33 -15.65 -11.52
C ILE A 239 -8.69 -17.03 -11.30
N GLY A 240 -8.85 -17.57 -10.10
CA GLY A 240 -8.31 -18.88 -9.80
C GLY A 240 -7.65 -18.94 -8.45
N SER A 241 -7.47 -17.78 -7.81
CA SER A 241 -6.73 -17.72 -6.55
C SER A 241 -7.44 -16.92 -5.46
N GLY A 242 -8.75 -16.77 -5.59
CA GLY A 242 -9.51 -16.01 -4.62
C GLY A 242 -9.67 -14.55 -5.02
N GLY A 243 -10.31 -13.76 -4.15
CA GLY A 243 -10.72 -12.40 -4.48
C GLY A 243 -9.55 -11.47 -4.75
N PHE A 244 -9.47 -10.95 -5.97
CA PHE A 244 -8.31 -10.14 -6.38
C PHE A 244 -8.53 -8.65 -6.25
N LEU A 245 -9.67 -8.26 -5.69
CA LEU A 245 -9.95 -6.86 -5.38
C LEU A 245 -8.78 -6.07 -4.78
N PRO A 246 -8.09 -6.62 -3.76
CA PRO A 246 -7.01 -5.82 -3.18
C PRO A 246 -5.79 -5.63 -4.11
N VAL A 247 -5.72 -6.39 -5.20
CA VAL A 247 -4.63 -6.20 -6.15
C VAL A 247 -5.10 -5.52 -7.44
N PHE A 248 -6.26 -4.87 -7.37
CA PHE A 248 -6.81 -4.12 -8.50
C PHE A 248 -5.91 -2.96 -8.97
N GLN A 249 -5.02 -2.49 -8.10
CA GLN A 249 -4.12 -1.38 -8.46
C GLN A 249 -2.85 -1.88 -9.16
N ALA A 250 -2.65 -3.18 -9.14
CA ALA A 250 -1.46 -3.78 -9.73
C ALA A 250 -1.51 -3.67 -11.26
N GLY A 251 -0.33 -3.63 -11.90
CA GLY A 251 -0.28 -3.61 -13.36
C GLY A 251 -1.03 -4.81 -13.95
N PHE A 252 -1.86 -4.54 -14.96
CA PHE A 252 -2.62 -5.60 -15.64
C PHE A 252 -1.69 -6.64 -16.22
N THR A 253 -0.54 -6.19 -16.72
CA THR A 253 0.40 -7.08 -17.39
C THR A 253 0.95 -8.13 -16.41
N GLU A 254 1.04 -7.75 -15.14
CA GLU A 254 1.40 -8.70 -14.08
C GLU A 254 0.32 -9.77 -13.91
N ILE A 255 -0.95 -9.37 -14.04
CA ILE A 255 -2.03 -10.33 -13.99
C ILE A 255 -1.98 -11.24 -15.22
N LEU A 256 -1.85 -10.65 -16.40
CA LEU A 256 -1.81 -11.42 -17.64
C LEU A 256 -0.66 -12.44 -17.69
N ARG A 257 0.52 -12.06 -17.22
CA ARG A 257 1.65 -12.96 -17.32
C ARG A 257 1.53 -14.18 -16.41
N MET A 258 0.90 -14.02 -15.24
CA MET A 258 0.58 -15.17 -14.40
C MET A 258 -0.31 -16.13 -15.16
N VAL A 259 -1.32 -15.60 -15.83
CA VAL A 259 -2.28 -16.40 -16.57
C VAL A 259 -1.63 -17.17 -17.71
N ILE A 260 -0.88 -16.43 -18.53
CA ILE A 260 -0.20 -17.01 -19.68
C ILE A 260 0.86 -18.05 -19.29
N ASN A 261 1.58 -17.80 -18.19
CA ASN A 261 2.63 -18.72 -17.76
C ASN A 261 2.09 -19.97 -17.07
N GLY A 262 0.78 -20.00 -16.84
CA GLY A 262 0.13 -21.17 -16.28
C GLY A 262 0.18 -21.21 -14.76
N TYR A 263 0.53 -20.08 -14.15
CA TYR A 263 0.68 -20.08 -12.70
C TYR A 263 -0.66 -20.03 -11.99
N GLN A 264 -1.73 -19.80 -12.75
CA GLN A 264 -3.06 -19.87 -12.15
C GLN A 264 -3.75 -21.22 -12.40
N SER A 265 -3.04 -22.19 -12.94
CA SER A 265 -3.65 -23.49 -13.25
C SER A 265 -3.11 -24.63 -12.42
N ASP A 266 -4.03 -25.45 -11.91
CA ASP A 266 -3.71 -26.76 -11.38
C ASP A 266 -2.74 -26.71 -10.21
N GLN A 267 -2.99 -25.83 -9.26
CA GLN A 267 -2.10 -25.71 -8.12
C GLN A 267 -2.09 -26.99 -7.33
N ARG A 268 -0.89 -27.34 -6.85
CA ARG A 268 -0.70 -28.52 -6.03
C ARG A 268 -0.41 -28.13 -4.59
N LEU A 269 -0.78 -29.01 -3.67
CA LEU A 269 -0.47 -28.86 -2.24
C LEU A 269 0.68 -29.83 -1.90
N ILE A 270 1.56 -29.42 -1.00
CA ILE A 270 2.62 -30.31 -0.53
C ILE A 270 2.38 -30.66 0.95
N PRO A 271 1.86 -31.87 1.22
CA PRO A 271 1.53 -32.24 2.61
C PRO A 271 2.73 -32.22 3.58
N ASP A 272 3.94 -32.49 3.08
CA ASP A 272 5.11 -32.46 3.95
C ASP A 272 5.52 -31.04 4.29
N GLY A 273 4.96 -30.07 3.56
CA GLY A 273 5.28 -28.67 3.76
C GLY A 273 6.36 -28.25 2.80
N ILE A 274 6.24 -27.04 2.26
CA ILE A 274 7.19 -26.56 1.27
C ILE A 274 8.56 -26.36 1.90
N SER A 275 8.58 -26.16 3.22
CA SER A 275 9.84 -26.10 3.96
C SER A 275 10.71 -27.35 3.77
N SER A 276 10.10 -28.46 3.35
CA SER A 276 10.88 -29.66 3.10
C SER A 276 11.79 -29.50 1.87
N LEU A 277 11.50 -28.54 1.00
CA LEU A 277 12.40 -28.17 -0.11
C LEU A 277 13.68 -27.52 0.41
N ALA A 278 13.54 -26.55 1.31
CA ALA A 278 14.69 -25.91 1.91
C ALA A 278 15.52 -26.93 2.67
N ALA A 279 14.84 -27.77 3.45
CA ALA A 279 15.50 -28.88 4.17
C ALA A 279 16.32 -29.80 3.25
N ARG A 280 15.67 -30.35 2.23
CA ARG A 280 16.35 -31.23 1.30
C ARG A 280 17.52 -30.55 0.62
N LEU A 281 17.34 -29.30 0.19
CA LEU A 281 18.45 -28.56 -0.40
C LEU A 281 19.60 -28.44 0.60
N ALA A 282 19.26 -28.13 1.83
CA ALA A 282 20.28 -27.91 2.85
C ALA A 282 20.96 -29.20 3.29
N ASP A 283 20.26 -30.32 3.15
CA ASP A 283 20.79 -31.61 3.56
C ASP A 283 21.82 -32.17 2.59
N GLN A 284 21.83 -31.67 1.36
CA GLN A 284 22.77 -32.15 0.35
C GLN A 284 24.21 -32.03 0.83
N SER A 285 25.03 -33.01 0.47
CA SER A 285 26.43 -33.02 0.86
C SER A 285 27.32 -32.77 -0.35
N PHE A 286 28.23 -31.80 -0.22
CA PHE A 286 29.23 -31.55 -1.23
C PHE A 286 30.60 -31.49 -0.57
N ASP A 287 31.59 -32.17 -1.16
CA ASP A 287 32.98 -32.12 -0.68
C ASP A 287 33.10 -32.49 0.80
N GLY A 288 32.27 -33.43 1.26
CA GLY A 288 32.33 -33.90 2.63
C GLY A 288 31.49 -33.07 3.60
N LYS A 289 30.83 -32.04 3.08
CA LYS A 289 30.12 -31.08 3.93
C LYS A 289 28.69 -30.82 3.48
N ALA A 290 27.75 -30.86 4.43
CA ALA A 290 26.37 -30.49 4.13
C ALA A 290 26.24 -29.00 3.83
N LEU A 291 25.41 -28.66 2.83
CA LEU A 291 25.11 -27.28 2.50
C LEU A 291 24.74 -26.48 3.76
N ARG A 292 23.95 -27.10 4.64
CA ARG A 292 23.48 -26.43 5.86
C ARG A 292 24.60 -25.85 6.71
N ASP A 293 25.73 -26.55 6.76
CA ASP A 293 26.87 -26.08 7.55
C ASP A 293 27.65 -24.95 6.87
N ARG A 294 27.20 -24.53 5.70
CA ARG A 294 27.82 -23.39 5.03
C ARG A 294 27.06 -22.11 5.34
N VAL A 295 25.97 -22.26 6.08
CA VAL A 295 25.12 -21.14 6.44
C VAL A 295 25.66 -20.42 7.66
N CYS A 296 25.98 -19.15 7.49
CA CYS A 296 26.41 -18.33 8.62
C CYS A 296 25.23 -17.51 9.13
N PHE A 297 24.77 -17.81 10.34
CA PHE A 297 23.64 -17.10 10.94
C PHE A 297 24.04 -15.74 11.52
N SER A 298 24.21 -14.77 10.62
CA SER A 298 24.52 -13.40 10.99
C SER A 298 23.95 -12.48 9.94
N ARG A 299 23.32 -11.40 10.39
CA ARG A 299 22.74 -10.42 9.49
C ARG A 299 23.87 -9.65 8.82
N VAL A 300 23.80 -9.59 7.49
CA VAL A 300 24.76 -8.83 6.69
C VAL A 300 24.32 -7.38 6.63
N GLY A 301 25.22 -6.48 6.98
CA GLY A 301 24.97 -5.05 6.87
C GLY A 301 25.47 -4.48 5.56
N ARG A 302 26.35 -3.50 5.64
CA ARG A 302 26.85 -2.84 4.45
C ARG A 302 27.74 -3.76 3.60
N ILE A 303 27.57 -3.67 2.29
CA ILE A 303 28.40 -4.40 1.34
C ILE A 303 29.19 -3.39 0.55
N SER A 304 30.51 -3.57 0.50
CA SER A 304 31.39 -2.58 -0.09
C SER A 304 32.43 -3.18 -1.02
N ARG A 305 33.11 -2.31 -1.74
CA ARG A 305 34.05 -2.70 -2.75
C ARG A 305 35.44 -2.24 -2.32
N GLU A 306 36.36 -3.17 -2.16
CA GLU A 306 37.75 -2.83 -1.93
C GLU A 306 38.58 -3.54 -2.98
N ALA A 307 39.39 -2.78 -3.70
CA ALA A 307 40.14 -3.31 -4.83
C ALA A 307 39.12 -3.89 -5.79
N GLU A 308 39.41 -5.08 -6.33
CA GLU A 308 38.41 -5.84 -7.07
C GLU A 308 37.84 -6.97 -6.20
N LYS A 309 37.65 -6.67 -4.93
CA LYS A 309 37.04 -7.62 -4.00
C LYS A 309 35.83 -7.00 -3.30
N ILE A 310 34.95 -7.86 -2.80
CA ILE A 310 33.72 -7.43 -2.15
C ILE A 310 33.84 -7.70 -0.66
N ILE A 311 33.57 -6.68 0.15
CA ILE A 311 33.63 -6.83 1.59
C ILE A 311 32.24 -6.95 2.18
N ILE A 312 32.03 -8.01 2.96
CA ILE A 312 30.77 -8.25 3.68
C ILE A 312 30.92 -7.90 5.15
N GLN A 313 30.05 -7.01 5.62
CA GLN A 313 29.99 -6.68 7.04
C GLN A 313 28.89 -7.50 7.70
N THR A 314 29.15 -8.05 8.89
CA THR A 314 28.09 -8.74 9.61
C THR A 314 27.86 -8.13 10.97
N GLU A 315 26.91 -8.73 11.69
CA GLU A 315 26.26 -8.02 12.78
C GLU A 315 27.07 -8.01 14.06
N ALA A 316 28.23 -8.67 14.06
CA ALA A 316 29.04 -8.63 15.26
C ALA A 316 29.98 -7.43 15.22
N GLY A 317 30.38 -7.05 14.01
CA GLY A 317 31.43 -6.05 13.81
C GLY A 317 32.43 -6.79 12.94
N GLU A 318 32.18 -8.10 12.84
CA GLU A 318 32.90 -9.03 11.98
C GLU A 318 32.85 -8.57 10.52
N GLN A 319 33.78 -9.10 9.73
CA GLN A 319 33.91 -8.70 8.32
C GLN A 319 34.70 -9.75 7.54
N ARG A 320 34.23 -10.05 6.32
CA ARG A 320 34.87 -11.06 5.48
C ARG A 320 35.05 -10.52 4.08
N VAL A 321 36.03 -11.07 3.36
CA VAL A 321 36.28 -10.66 1.98
C VAL A 321 36.06 -11.80 0.97
N PHE A 322 35.44 -11.46 -0.14
CA PHE A 322 34.99 -12.43 -1.14
C PHE A 322 35.29 -11.94 -2.55
N ASP A 323 35.33 -12.86 -3.50
CA ASP A 323 35.52 -12.50 -4.91
C ASP A 323 34.21 -12.11 -5.56
N ARG A 324 33.15 -12.83 -5.22
CA ARG A 324 31.86 -12.61 -5.84
C ARG A 324 30.73 -12.73 -4.80
N VAL A 325 29.67 -11.97 -5.00
CA VAL A 325 28.54 -11.99 -4.06
C VAL A 325 27.22 -12.06 -4.82
N ILE A 326 26.30 -12.88 -4.30
CA ILE A 326 24.92 -12.93 -4.79
C ILE A 326 24.00 -12.45 -3.65
N VAL A 327 23.15 -11.48 -3.95
CA VAL A 327 22.26 -10.91 -2.94
C VAL A 327 20.79 -11.25 -3.21
N THR A 328 20.20 -12.01 -2.28
CA THR A 328 18.82 -12.49 -2.44
C THR A 328 17.84 -11.83 -1.46
N SER A 329 18.37 -10.98 -0.59
CA SER A 329 17.52 -10.23 0.33
C SER A 329 16.59 -9.28 -0.44
N SER A 330 15.64 -8.68 0.27
CA SER A 330 14.65 -7.81 -0.37
C SER A 330 15.31 -6.61 -1.03
N ASN A 331 14.62 -5.97 -1.97
CA ASN A 331 15.13 -4.72 -2.54
C ASN A 331 15.28 -3.64 -1.47
N ARG A 332 14.43 -3.72 -0.44
CA ARG A 332 14.47 -2.80 0.69
C ARG A 332 15.77 -2.94 1.49
N ALA A 333 16.18 -4.17 1.75
CA ALA A 333 17.47 -4.45 2.37
C ALA A 333 18.62 -4.00 1.47
N MET A 334 18.48 -4.23 0.17
CA MET A 334 19.50 -3.84 -0.78
C MET A 334 19.75 -2.35 -0.72
N GLN A 335 18.68 -1.58 -0.58
CA GLN A 335 18.81 -0.12 -0.46
C GLN A 335 19.21 0.36 0.94
N MET A 336 18.51 -0.09 1.97
CA MET A 336 18.69 0.47 3.30
C MET A 336 19.73 -0.21 4.17
N ILE A 337 20.00 -1.49 3.90
CA ILE A 337 20.88 -2.26 4.77
C ILE A 337 22.23 -2.47 4.10
N HIS A 338 22.20 -2.96 2.86
CA HIS A 338 23.43 -3.27 2.14
C HIS A 338 24.01 -2.01 1.51
N CYS A 339 23.15 -1.02 1.31
CA CYS A 339 23.53 0.29 0.79
C CYS A 339 24.06 0.19 -0.62
N LEU A 340 23.32 -0.53 -1.46
CA LEU A 340 23.78 -0.86 -2.81
C LEU A 340 23.38 0.21 -3.81
N THR A 341 22.77 1.27 -3.31
CA THR A 341 22.03 2.15 -4.19
C THR A 341 22.55 3.59 -4.09
N ASP A 342 23.51 3.81 -3.19
CA ASP A 342 24.04 5.16 -2.95
C ASP A 342 25.06 5.65 -3.98
N SER A 343 25.40 4.79 -4.93
CA SER A 343 26.42 5.10 -5.93
C SER A 343 26.32 4.08 -7.04
N GLU A 344 27.22 4.14 -8.00
CA GLU A 344 27.25 3.15 -9.09
C GLU A 344 28.35 2.15 -8.84
N SER A 345 28.73 2.01 -7.58
CA SER A 345 29.73 1.06 -7.16
C SER A 345 29.40 -0.36 -7.63
N PHE A 346 28.16 -0.78 -7.37
CA PHE A 346 27.74 -2.13 -7.70
C PHE A 346 26.63 -2.21 -8.76
N LEU A 347 25.76 -1.21 -8.78
CA LEU A 347 24.62 -1.21 -9.68
C LEU A 347 24.50 0.07 -10.48
N SER A 348 24.05 -0.03 -11.73
CA SER A 348 23.78 1.14 -12.56
C SER A 348 22.68 2.00 -11.93
N ARG A 349 22.54 3.25 -12.38
CA ARG A 349 21.50 4.16 -11.90
C ARG A 349 20.13 3.62 -12.25
N ASP A 350 20.03 2.98 -13.42
CA ASP A 350 18.75 2.38 -13.83
C ASP A 350 18.37 1.23 -12.91
N VAL A 351 19.33 0.35 -12.62
CA VAL A 351 19.05 -0.82 -11.80
C VAL A 351 18.81 -0.40 -10.35
N ALA A 352 19.57 0.60 -9.89
CA ALA A 352 19.38 1.18 -8.57
C ALA A 352 17.94 1.73 -8.42
N ARG A 353 17.43 2.40 -9.44
CA ARG A 353 16.05 2.89 -9.39
C ARG A 353 15.08 1.73 -9.24
N ALA A 354 15.30 0.67 -10.02
CA ALA A 354 14.46 -0.52 -9.95
C ALA A 354 14.47 -1.06 -8.53
N VAL A 355 15.64 -1.02 -7.89
CA VAL A 355 15.78 -1.54 -6.54
C VAL A 355 14.99 -0.68 -5.59
N ARG A 356 15.06 0.62 -5.76
CA ARG A 356 14.45 1.52 -4.80
C ARG A 356 12.93 1.57 -4.96
N GLU A 357 12.45 1.41 -6.19
CA GLU A 357 11.05 1.69 -6.46
C GLU A 357 10.19 0.44 -6.70
N THR A 358 10.78 -0.75 -6.63
CA THR A 358 10.02 -1.97 -6.80
C THR A 358 9.02 -2.19 -5.65
N HIS A 359 7.75 -2.37 -5.99
CA HIS A 359 6.70 -2.54 -5.00
C HIS A 359 6.65 -3.94 -4.42
N LEU A 360 6.74 -4.03 -3.10
CA LEU A 360 6.41 -5.27 -2.39
C LEU A 360 5.01 -5.14 -1.78
N THR A 361 4.23 -6.22 -1.88
CA THR A 361 2.89 -6.23 -1.33
C THR A 361 2.93 -6.48 0.17
N GLY A 362 1.83 -6.18 0.85
CA GLY A 362 1.61 -6.66 2.20
C GLY A 362 0.79 -7.94 2.08
N SER A 363 0.85 -8.80 3.09
CA SER A 363 0.08 -10.03 3.12
C SER A 363 0.18 -10.66 4.50
N SER A 364 -0.95 -11.14 5.02
CA SER A 364 -0.96 -11.75 6.34
C SER A 364 -1.76 -13.05 6.35
N LYS A 365 -1.37 -13.96 7.23
CA LYS A 365 -2.10 -15.20 7.40
C LYS A 365 -2.35 -15.49 8.88
N LEU A 366 -3.53 -16.01 9.19
CA LEU A 366 -3.81 -16.53 10.52
C LEU A 366 -4.37 -17.93 10.34
N PHE A 367 -3.79 -18.88 11.06
CA PHE A 367 -4.19 -20.29 10.98
C PHE A 367 -4.70 -20.72 12.33
N ILE A 368 -5.63 -21.66 12.35
CA ILE A 368 -6.04 -22.26 13.60
C ILE A 368 -6.03 -23.77 13.44
N LEU A 369 -5.62 -24.48 14.48
CA LEU A 369 -5.71 -25.93 14.52
C LEU A 369 -6.97 -26.34 15.31
N THR A 370 -7.93 -26.96 14.63
CA THR A 370 -9.17 -27.37 15.27
C THR A 370 -9.16 -28.88 15.54
N ARG A 371 -9.87 -29.30 16.58
CA ARG A 371 -9.88 -30.71 16.96
C ARG A 371 -10.18 -31.66 15.79
N THR A 372 -11.13 -31.27 14.94
CA THR A 372 -11.52 -32.12 13.83
C THR A 372 -11.51 -31.42 12.46
N LYS A 373 -11.55 -32.24 11.41
CA LYS A 373 -11.77 -31.75 10.05
C LYS A 373 -13.29 -31.59 9.81
N PHE A 374 -13.84 -30.62 10.54
CA PHE A 374 -15.29 -30.40 10.62
C PHE A 374 -15.97 -30.22 9.26
N TRP A 375 -15.19 -29.89 8.25
CA TRP A 375 -15.73 -29.59 6.92
C TRP A 375 -15.95 -30.84 6.07
N ILE A 376 -15.45 -31.98 6.53
CA ILE A 376 -15.57 -33.21 5.78
C ILE A 376 -16.93 -33.87 6.02
N LYS A 377 -17.23 -34.15 7.28
CA LYS A 377 -18.47 -34.86 7.61
C LYS A 377 -19.67 -33.95 7.43
N ASN A 378 -19.55 -32.71 7.88
CA ASN A 378 -20.67 -31.82 7.82
C ASN A 378 -20.86 -31.27 6.40
N LYS A 379 -21.96 -30.55 6.18
CA LYS A 379 -22.29 -30.01 4.86
C LYS A 379 -21.29 -28.95 4.36
N LEU A 380 -20.41 -28.49 5.25
CA LEU A 380 -19.70 -27.22 5.10
C LEU A 380 -18.74 -27.08 3.88
N PRO A 381 -18.59 -25.84 3.37
CA PRO A 381 -17.63 -25.58 2.30
C PRO A 381 -16.20 -25.86 2.76
N THR A 382 -15.31 -26.15 1.82
CA THR A 382 -13.89 -26.33 2.15
C THR A 382 -13.16 -24.99 2.08
N THR A 383 -13.59 -24.14 1.15
CA THR A 383 -13.04 -22.81 1.02
C THR A 383 -14.15 -21.76 1.06
N ILE A 384 -13.85 -20.60 1.63
CA ILE A 384 -14.75 -19.45 1.60
C ILE A 384 -14.00 -18.24 1.06
N GLN A 385 -14.65 -17.47 0.20
CA GLN A 385 -14.10 -16.19 -0.27
C GLN A 385 -15.07 -15.07 0.08
N SER A 386 -14.62 -14.13 0.90
CA SER A 386 -15.54 -13.20 1.55
C SER A 386 -15.21 -11.74 1.23
N ASP A 387 -16.23 -10.91 1.09
CA ASP A 387 -15.98 -9.48 0.97
C ASP A 387 -15.82 -8.88 2.37
N GLY A 388 -15.80 -9.74 3.38
CA GLY A 388 -15.58 -9.30 4.74
C GLY A 388 -14.12 -9.34 5.13
N LEU A 389 -13.87 -9.11 6.41
CA LEU A 389 -12.54 -9.00 6.97
C LEU A 389 -11.61 -10.20 6.72
N VAL A 390 -12.21 -11.37 6.67
CA VAL A 390 -11.49 -12.63 6.59
C VAL A 390 -10.89 -12.85 5.19
N ARG A 391 -11.53 -12.30 4.17
CA ARG A 391 -11.16 -12.50 2.76
C ARG A 391 -11.10 -13.94 2.27
N GLY A 392 -9.95 -14.60 2.47
CA GLY A 392 -9.80 -15.97 1.99
C GLY A 392 -9.71 -16.99 3.10
N VAL A 393 -10.59 -17.99 3.10
CA VAL A 393 -10.60 -19.05 4.11
C VAL A 393 -10.35 -20.42 3.47
N TYR A 394 -9.35 -21.16 3.98
CA TYR A 394 -8.98 -22.45 3.41
C TYR A 394 -8.85 -23.57 4.43
N CYS A 395 -9.64 -24.63 4.25
CA CYS A 395 -9.58 -25.78 5.15
C CYS A 395 -8.63 -26.84 4.59
N LEU A 396 -7.70 -27.27 5.43
CA LEU A 396 -6.57 -28.09 4.99
C LEU A 396 -6.49 -29.44 5.67
N ASP A 397 -6.51 -30.52 4.89
CA ASP A 397 -6.46 -31.90 5.40
C ASP A 397 -5.05 -32.46 5.25
N TYR A 398 -4.33 -32.59 6.37
CA TYR A 398 -2.93 -33.04 6.33
C TYR A 398 -2.73 -34.53 6.64
N GLN A 399 -3.84 -35.26 6.79
CA GLN A 399 -3.78 -36.73 6.80
C GLN A 399 -5.07 -37.33 6.29
N PRO A 400 -5.31 -37.24 4.97
CA PRO A 400 -6.61 -37.60 4.37
C PRO A 400 -7.06 -39.01 4.68
N ASP A 401 -6.12 -39.89 5.01
CA ASP A 401 -6.49 -41.28 5.31
C ASP A 401 -6.98 -41.46 6.76
N GLU A 402 -6.73 -40.47 7.61
CA GLU A 402 -7.31 -40.48 8.95
C GLU A 402 -8.39 -39.41 9.15
N PRO A 403 -9.64 -39.74 8.76
CA PRO A 403 -10.76 -38.78 8.80
C PRO A 403 -11.04 -38.21 10.20
N GLU A 404 -10.49 -38.84 11.23
CA GLU A 404 -10.60 -38.33 12.59
C GLU A 404 -9.44 -37.45 13.06
N GLY A 405 -8.55 -37.01 12.16
CA GLY A 405 -7.43 -36.20 12.61
C GLY A 405 -7.75 -34.73 12.84
N HIS A 406 -6.78 -33.99 13.36
CA HIS A 406 -6.97 -32.56 13.55
C HIS A 406 -7.02 -31.83 12.21
N GLY A 407 -7.71 -30.70 12.19
CA GLY A 407 -7.83 -29.92 10.98
C GLY A 407 -7.01 -28.65 11.07
N VAL A 408 -6.47 -28.22 9.94
CA VAL A 408 -5.79 -26.94 9.85
C VAL A 408 -6.65 -25.99 9.02
N VAL A 409 -7.07 -24.89 9.63
CA VAL A 409 -7.84 -23.87 8.92
C VAL A 409 -7.00 -22.61 8.72
N LEU A 410 -6.80 -22.24 7.46
CA LEU A 410 -6.26 -20.92 7.14
C LEU A 410 -7.40 -19.93 7.25
N LEU A 411 -7.60 -19.42 8.46
CA LEU A 411 -8.77 -18.61 8.75
C LEU A 411 -8.84 -17.34 7.94
N SER A 412 -7.72 -16.62 7.82
CA SER A 412 -7.70 -15.43 6.98
C SER A 412 -6.40 -15.29 6.21
N TYR A 413 -6.53 -15.18 4.89
CA TYR A 413 -5.41 -14.90 3.99
C TYR A 413 -5.74 -13.60 3.26
N THR A 414 -4.95 -12.56 3.51
CA THR A 414 -5.22 -11.24 2.97
C THR A 414 -4.00 -10.67 2.27
N TRP A 415 -4.23 -9.77 1.31
CA TRP A 415 -3.18 -9.03 0.63
C TRP A 415 -3.41 -7.53 0.75
N GLU A 416 -2.32 -6.76 0.59
CA GLU A 416 -2.39 -5.30 0.57
C GLU A 416 -3.26 -4.67 1.65
N ASP A 417 -4.20 -3.82 1.25
CA ASP A 417 -5.03 -3.10 2.21
C ASP A 417 -5.76 -4.05 3.18
N ASP A 418 -6.27 -5.17 2.66
CA ASP A 418 -6.91 -6.17 3.50
C ASP A 418 -5.99 -6.71 4.58
N ALA A 419 -4.69 -6.73 4.30
CA ALA A 419 -3.71 -7.22 5.26
C ALA A 419 -3.24 -6.07 6.14
N GLN A 420 -3.24 -4.88 5.56
CA GLN A 420 -2.85 -3.69 6.31
C GLN A 420 -3.83 -3.41 7.45
N LYS A 421 -5.10 -3.81 7.28
CA LYS A 421 -6.11 -3.70 8.34
C LYS A 421 -5.74 -4.46 9.61
N MET A 422 -4.93 -5.49 9.44
CA MET A 422 -4.66 -6.43 10.54
C MET A 422 -3.60 -5.93 11.50
N LEU A 423 -2.91 -4.85 11.14
CA LEU A 423 -1.70 -4.44 11.84
C LEU A 423 -1.92 -3.92 13.27
N ALA A 424 -3.11 -3.36 13.54
CA ALA A 424 -3.54 -3.10 14.92
C ALA A 424 -4.00 -4.47 15.38
N MET A 425 -4.33 -4.67 16.64
CA MET A 425 -4.59 -6.06 17.08
C MET A 425 -3.55 -7.11 16.60
N PRO A 426 -2.28 -6.98 17.06
CA PRO A 426 -1.26 -8.00 16.80
C PRO A 426 -1.36 -9.18 17.75
N ASP A 427 -2.23 -9.06 18.75
CA ASP A 427 -2.46 -10.15 19.70
C ASP A 427 -3.28 -11.23 18.98
N LYS A 428 -2.86 -12.48 19.05
CA LYS A 428 -3.50 -13.44 18.18
C LYS A 428 -4.88 -13.96 18.63
N LYS A 429 -5.10 -14.03 19.93
CA LYS A 429 -6.44 -14.35 20.46
C LYS A 429 -7.42 -13.28 19.97
N THR A 430 -6.99 -12.03 20.06
CA THR A 430 -7.82 -10.90 19.68
C THR A 430 -8.09 -10.94 18.19
N ARG A 431 -7.03 -11.03 17.39
CA ARG A 431 -7.21 -11.13 15.94
C ARG A 431 -8.07 -12.34 15.53
N CYS A 432 -7.82 -13.50 16.15
CA CYS A 432 -8.57 -14.71 15.83
C CYS A 432 -10.07 -14.54 16.06
N GLN A 433 -10.43 -14.04 17.23
CA GLN A 433 -11.84 -13.88 17.58
C GLN A 433 -12.54 -12.83 16.72
N VAL A 434 -11.84 -11.74 16.40
CA VAL A 434 -12.37 -10.77 15.45
C VAL A 434 -12.69 -11.42 14.11
N LEU A 435 -11.78 -12.23 13.60
CA LEU A 435 -11.99 -12.87 12.30
C LEU A 435 -13.15 -13.87 12.38
N VAL A 436 -13.18 -14.63 13.48
CA VAL A 436 -14.22 -15.62 13.68
C VAL A 436 -15.57 -14.93 13.77
N ASP A 437 -15.64 -13.86 14.55
CA ASP A 437 -16.85 -13.05 14.67
C ASP A 437 -17.31 -12.51 13.32
N ASP A 438 -16.37 -11.97 12.55
CA ASP A 438 -16.65 -11.47 11.19
C ASP A 438 -17.31 -12.54 10.33
N LEU A 439 -16.72 -13.73 10.31
CA LEU A 439 -17.28 -14.86 9.56
C LEU A 439 -18.65 -15.29 10.09
N ALA A 440 -18.81 -15.26 11.42
CA ALA A 440 -20.06 -15.72 12.06
C ALA A 440 -21.26 -14.87 11.68
N ALA A 441 -21.01 -13.63 11.28
CA ALA A 441 -22.11 -12.73 10.92
C ALA A 441 -22.89 -13.30 9.74
N ILE A 442 -22.16 -13.96 8.83
CA ILE A 442 -22.77 -14.57 7.65
C ILE A 442 -22.95 -16.11 7.75
N HIS A 443 -22.01 -16.80 8.42
CA HIS A 443 -22.11 -18.26 8.56
C HIS A 443 -21.80 -18.76 9.98
N PRO A 444 -22.76 -18.60 10.91
CA PRO A 444 -22.52 -18.90 12.32
C PRO A 444 -22.22 -20.37 12.59
N THR A 445 -22.86 -21.27 11.84
CA THR A 445 -22.61 -22.71 12.01
C THR A 445 -21.14 -23.04 11.74
N PHE A 446 -20.63 -22.60 10.60
CA PHE A 446 -19.21 -22.79 10.27
C PHE A 446 -18.30 -22.22 11.36
N ALA A 447 -18.63 -21.00 11.82
CA ALA A 447 -17.80 -20.31 12.79
C ALA A 447 -17.75 -21.00 14.14
N SER A 448 -18.83 -21.72 14.48
CA SER A 448 -18.92 -22.41 15.76
C SER A 448 -17.85 -23.50 15.87
N TYR A 449 -17.27 -23.89 14.74
CA TYR A 449 -16.17 -24.88 14.76
C TYR A 449 -14.80 -24.23 14.91
N LEU A 450 -14.73 -22.91 14.79
CA LEU A 450 -13.44 -22.24 14.78
C LEU A 450 -12.91 -22.01 16.19
N LEU A 451 -12.60 -23.11 16.87
CA LEU A 451 -12.08 -23.07 18.22
C LEU A 451 -10.72 -23.78 18.25
N PRO A 452 -9.73 -23.17 18.90
CA PRO A 452 -8.41 -23.84 18.92
C PRO A 452 -8.49 -25.07 19.82
N VAL A 453 -7.70 -26.09 19.48
CA VAL A 453 -7.59 -27.29 20.29
C VAL A 453 -7.29 -26.88 21.72
N ASP A 454 -7.94 -27.55 22.68
CA ASP A 454 -7.77 -27.26 24.10
C ASP A 454 -8.12 -25.82 24.50
N GLY A 455 -8.71 -25.07 23.58
CA GLY A 455 -8.95 -23.65 23.79
C GLY A 455 -7.69 -22.82 23.99
N ASP A 456 -6.58 -23.31 23.46
CA ASP A 456 -5.29 -22.64 23.61
C ASP A 456 -4.96 -21.78 22.37
N TYR A 457 -5.22 -20.48 22.47
CA TYR A 457 -5.05 -19.55 21.35
C TYR A 457 -3.59 -19.18 21.16
N GLU A 458 -2.77 -19.53 22.14
CA GLU A 458 -1.35 -19.26 22.08
C GLU A 458 -0.63 -20.38 21.33
N ARG A 459 -1.05 -21.62 21.59
CA ARG A 459 -0.41 -22.79 20.99
C ARG A 459 -0.98 -23.13 19.62
N TYR A 460 -2.28 -22.95 19.45
CA TYR A 460 -2.95 -23.48 18.27
C TYR A 460 -3.55 -22.44 17.34
N VAL A 461 -3.06 -21.21 17.46
CA VAL A 461 -3.25 -20.17 16.47
C VAL A 461 -1.86 -19.70 16.03
N LEU A 462 -1.65 -19.58 14.72
CA LEU A 462 -0.40 -19.01 14.22
C LEU A 462 -0.72 -17.90 13.25
N HIS A 463 0.04 -16.82 13.29
CA HIS A 463 -0.16 -15.74 12.33
C HIS A 463 1.12 -14.97 12.04
N HIS A 464 1.17 -14.33 10.86
CA HIS A 464 2.31 -13.53 10.46
C HIS A 464 1.87 -12.39 9.55
N ASP A 465 2.43 -11.22 9.80
CA ASP A 465 2.32 -10.07 8.89
C ASP A 465 3.65 -9.89 8.18
N TRP A 466 3.67 -10.15 6.88
CA TRP A 466 4.92 -10.12 6.14
C TRP A 466 5.44 -8.69 5.99
N LEU A 467 4.52 -7.74 5.93
CA LEU A 467 4.87 -6.33 5.71
C LEU A 467 5.76 -5.78 6.82
N THR A 468 5.42 -6.08 8.07
CA THR A 468 6.21 -5.62 9.21
C THR A 468 7.25 -6.63 9.67
N ASP A 469 7.47 -7.68 8.88
CA ASP A 469 8.58 -8.60 9.13
C ASP A 469 9.84 -7.90 8.61
N PRO A 470 10.80 -7.64 9.50
CA PRO A 470 11.97 -6.87 9.05
C PRO A 470 12.98 -7.67 8.22
N HIS A 471 12.78 -8.99 8.13
CA HIS A 471 13.65 -9.82 7.29
C HIS A 471 13.11 -9.91 5.87
N SER A 472 11.90 -9.39 5.67
CA SER A 472 11.27 -9.45 4.37
C SER A 472 10.87 -8.06 3.90
N ALA A 473 10.41 -7.22 4.84
CA ALA A 473 9.96 -5.87 4.54
C ALA A 473 8.90 -5.85 3.44
N GLY A 474 8.02 -6.84 3.46
CA GLY A 474 7.10 -7.03 2.36
C GLY A 474 6.86 -8.50 2.07
N ALA A 475 5.68 -8.78 1.51
CA ALA A 475 5.31 -10.15 1.20
C ALA A 475 5.98 -10.60 -0.10
N PHE A 476 5.61 -9.96 -1.19
CA PHE A 476 6.20 -10.31 -2.48
C PHE A 476 6.04 -9.18 -3.46
N LYS A 477 6.81 -9.24 -4.54
CA LYS A 477 6.85 -8.15 -5.48
C LYS A 477 5.77 -8.26 -6.53
N LEU A 478 5.12 -7.12 -6.79
CA LEU A 478 4.00 -7.04 -7.72
C LEU A 478 4.01 -5.63 -8.31
N ASN A 479 4.46 -5.50 -9.55
CA ASN A 479 4.63 -4.18 -10.16
C ASN A 479 3.32 -3.43 -10.34
N TYR A 480 3.38 -2.12 -10.11
CA TYR A 480 2.30 -1.22 -10.51
C TYR A 480 2.40 -0.97 -12.02
N PRO A 481 1.37 -0.33 -12.62
CA PRO A 481 1.50 -0.01 -14.05
C PRO A 481 2.75 0.82 -14.34
N GLY A 482 3.38 0.52 -15.46
CA GLY A 482 4.57 1.24 -15.88
C GLY A 482 5.85 0.82 -15.16
N GLU A 483 5.81 -0.24 -14.36
CA GLU A 483 6.98 -0.63 -13.59
C GLU A 483 7.55 -1.99 -13.99
N ASP A 484 7.00 -2.59 -15.04
CA ASP A 484 7.50 -3.86 -15.53
C ASP A 484 8.94 -3.71 -16.00
N VAL A 485 9.34 -2.49 -16.29
CA VAL A 485 10.73 -2.24 -16.68
C VAL A 485 11.68 -2.63 -15.54
N TYR A 486 11.26 -2.40 -14.30
CA TYR A 486 12.02 -2.85 -13.13
C TYR A 486 12.27 -4.36 -13.12
N SER A 487 11.24 -5.16 -13.42
CA SER A 487 11.41 -6.62 -13.47
C SER A 487 12.47 -6.98 -14.51
N GLN A 488 12.37 -6.36 -15.69
CA GLN A 488 13.39 -6.54 -16.72
C GLN A 488 14.77 -6.18 -16.20
N ARG A 489 14.88 -5.03 -15.56
CA ARG A 489 16.19 -4.55 -15.11
C ARG A 489 16.79 -5.49 -14.08
N LEU A 490 15.97 -5.93 -13.14
CA LEU A 490 16.44 -6.81 -12.08
C LEU A 490 16.75 -8.22 -12.59
N PHE A 491 15.89 -8.75 -13.46
CA PHE A 491 16.08 -10.11 -14.00
C PHE A 491 17.38 -10.20 -14.79
N PHE A 492 17.73 -9.14 -15.50
CA PHE A 492 18.90 -9.17 -16.40
C PHE A 492 20.17 -8.62 -15.80
N GLN A 493 20.08 -8.19 -14.55
CA GLN A 493 21.27 -7.70 -13.84
C GLN A 493 22.44 -8.72 -13.77
N PRO A 494 22.14 -10.02 -13.57
CA PRO A 494 23.29 -10.94 -13.58
C PRO A 494 23.94 -11.09 -14.94
N MET A 495 23.21 -10.75 -16.01
CA MET A 495 23.78 -10.78 -17.34
C MET A 495 24.90 -9.75 -17.55
N THR A 496 25.11 -8.89 -16.55
CA THR A 496 26.29 -8.01 -16.59
C THR A 496 27.59 -8.82 -16.62
N ALA A 497 27.52 -10.08 -16.20
CA ALA A 497 28.67 -10.98 -16.27
C ALA A 497 29.09 -11.21 -17.71
N ASN A 498 28.17 -11.00 -18.64
CA ASN A 498 28.52 -11.02 -20.05
C ASN A 498 29.33 -9.80 -20.46
N SER A 499 29.36 -8.77 -19.63
CA SER A 499 30.07 -7.52 -19.95
C SER A 499 31.04 -7.09 -18.87
N PRO A 500 32.29 -7.57 -18.94
CA PRO A 500 33.29 -7.28 -17.90
C PRO A 500 33.40 -5.77 -17.56
N ASN A 501 33.11 -4.91 -18.53
CA ASN A 501 33.05 -3.49 -18.27
C ASN A 501 31.95 -3.13 -17.25
N LYS A 502 30.81 -3.84 -17.32
CA LYS A 502 29.67 -3.55 -16.45
C LYS A 502 29.58 -4.50 -15.24
N ASP A 503 30.39 -5.53 -15.27
CA ASP A 503 30.45 -6.54 -14.21
C ASP A 503 31.10 -5.96 -12.96
N THR A 504 30.34 -5.81 -11.89
CA THR A 504 30.87 -5.29 -10.63
C THR A 504 31.16 -6.39 -9.62
N GLY A 505 30.92 -7.64 -10.00
CA GLY A 505 31.18 -8.77 -9.13
C GLY A 505 30.06 -9.03 -8.13
N LEU A 506 29.00 -8.25 -8.21
CA LEU A 506 27.80 -8.46 -7.41
C LEU A 506 26.61 -8.70 -8.31
N TYR A 507 25.77 -9.66 -7.93
CA TYR A 507 24.62 -10.02 -8.74
C TYR A 507 23.37 -10.12 -7.85
N LEU A 508 22.26 -9.65 -8.39
CA LEU A 508 21.00 -9.64 -7.65
C LEU A 508 20.20 -10.90 -7.98
N ALA A 509 19.49 -11.42 -6.99
CA ALA A 509 18.65 -12.60 -7.20
C ALA A 509 17.49 -12.62 -6.19
N GLY A 510 16.66 -13.64 -6.28
CA GLY A 510 15.44 -13.72 -5.47
C GLY A 510 14.23 -13.42 -6.36
N CYS A 511 13.06 -13.97 -6.01
CA CYS A 511 11.91 -13.76 -6.87
C CYS A 511 11.55 -12.29 -7.06
N SER A 512 11.83 -11.45 -6.07
CA SER A 512 11.61 -10.01 -6.19
C SER A 512 12.32 -9.41 -7.39
N CYS A 513 13.45 -10.00 -7.77
CA CYS A 513 14.22 -9.54 -8.92
C CYS A 513 13.88 -10.32 -10.18
N SER A 514 12.74 -11.01 -10.17
CA SER A 514 12.36 -11.87 -11.27
C SER A 514 11.17 -11.30 -12.01
N PHE A 515 10.70 -12.05 -13.00
CA PHE A 515 9.44 -11.71 -13.64
C PHE A 515 8.29 -12.41 -12.91
N ALA A 516 8.64 -13.32 -12.00
CA ALA A 516 7.65 -14.08 -11.23
C ALA A 516 7.70 -13.71 -9.75
N GLY A 517 7.41 -12.45 -9.44
CA GLY A 517 7.35 -11.99 -8.07
C GLY A 517 6.32 -12.79 -7.26
N GLY A 518 6.77 -13.36 -6.14
CA GLY A 518 5.87 -14.12 -5.29
C GLY A 518 5.58 -15.52 -5.78
N TRP A 519 6.49 -16.07 -6.58
CA TRP A 519 6.42 -17.49 -6.98
C TRP A 519 7.83 -18.05 -6.78
N ILE A 520 7.96 -19.28 -6.30
CA ILE A 520 9.30 -19.83 -6.07
C ILE A 520 10.09 -19.95 -7.38
N GLU A 521 9.37 -20.18 -8.48
CA GLU A 521 9.95 -20.21 -9.81
C GLU A 521 10.90 -19.02 -10.02
N GLY A 522 10.45 -17.83 -9.62
CA GLY A 522 11.26 -16.63 -9.76
C GLY A 522 12.58 -16.73 -9.01
N ALA A 523 12.53 -17.28 -7.80
CA ALA A 523 13.73 -17.43 -7.00
C ALA A 523 14.68 -18.44 -7.65
N VAL A 524 14.11 -19.48 -8.24
CA VAL A 524 14.90 -20.48 -8.95
C VAL A 524 15.54 -19.93 -10.22
N GLN A 525 14.75 -19.27 -11.05
CA GLN A 525 15.28 -18.68 -12.28
C GLN A 525 16.46 -17.74 -11.99
N THR A 526 16.25 -16.77 -11.10
CA THR A 526 17.29 -15.79 -10.79
C THR A 526 18.50 -16.41 -10.09
N ALA A 527 18.27 -17.43 -9.26
CA ALA A 527 19.36 -18.20 -8.66
C ALA A 527 20.26 -18.85 -9.73
N LEU A 528 19.65 -19.44 -10.75
CA LEU A 528 20.40 -20.08 -11.82
C LEU A 528 21.12 -19.03 -12.65
N ASN A 529 20.47 -17.88 -12.83
CA ASN A 529 21.09 -16.77 -13.53
C ASN A 529 22.32 -16.25 -12.78
N SER A 530 22.15 -15.96 -11.49
CA SER A 530 23.24 -15.39 -10.71
C SER A 530 24.40 -16.37 -10.54
N ALA A 531 24.10 -17.66 -10.42
CA ALA A 531 25.14 -18.67 -10.34
C ALA A 531 25.96 -18.72 -11.64
N CYS A 532 25.27 -18.71 -12.77
CA CYS A 532 25.91 -18.66 -14.07
C CYS A 532 26.80 -17.43 -14.20
N ALA A 533 26.34 -16.31 -13.64
CA ALA A 533 27.08 -15.05 -13.66
C ALA A 533 28.39 -15.18 -12.92
N VAL A 534 28.33 -15.67 -11.68
CA VAL A 534 29.53 -15.93 -10.90
C VAL A 534 30.54 -16.76 -11.69
N LEU A 535 30.08 -17.88 -12.25
CA LEU A 535 30.93 -18.78 -13.03
C LEU A 535 31.60 -18.10 -14.20
N ARG A 536 30.83 -17.42 -15.04
CA ARG A 536 31.38 -16.76 -16.22
C ARG A 536 32.30 -15.60 -15.87
N SER A 537 31.91 -14.82 -14.86
CA SER A 537 32.70 -13.69 -14.41
C SER A 537 34.08 -14.12 -13.93
N THR A 538 34.16 -15.36 -13.45
CA THR A 538 35.41 -15.88 -12.85
C THR A 538 36.13 -16.89 -13.73
N GLY A 539 35.79 -16.93 -15.01
CA GLY A 539 36.55 -17.72 -15.96
C GLY A 539 36.13 -19.17 -16.17
N GLY A 540 34.98 -19.56 -15.62
CA GLY A 540 34.47 -20.88 -15.89
C GLY A 540 33.62 -20.86 -17.16
N GLN A 541 33.46 -21.99 -17.84
CA GLN A 541 32.52 -21.98 -18.96
C GLN A 541 31.17 -22.58 -18.59
N LEU A 542 30.13 -22.04 -19.20
CA LEU A 542 28.78 -22.46 -18.89
C LEU A 542 28.41 -23.59 -19.84
N SER A 543 27.58 -24.51 -19.35
CA SER A 543 27.06 -25.57 -20.19
C SER A 543 26.16 -24.92 -21.25
N LYS A 544 26.03 -25.58 -22.40
CA LYS A 544 25.21 -25.06 -23.48
C LYS A 544 23.76 -25.06 -23.03
N GLY A 545 22.97 -24.08 -23.49
CA GLY A 545 21.57 -24.01 -23.11
C GLY A 545 21.36 -23.13 -21.89
N ASN A 546 22.46 -22.57 -21.37
CA ASN A 546 22.38 -21.71 -20.18
C ASN A 546 21.59 -20.43 -20.44
N PRO A 547 20.98 -19.86 -19.38
CA PRO A 547 20.13 -18.68 -19.53
C PRO A 547 20.92 -17.41 -19.91
N LEU A 548 22.19 -17.34 -19.55
CA LEU A 548 22.98 -16.13 -19.86
C LEU A 548 23.20 -16.01 -21.34
N ASP A 549 23.24 -17.16 -22.02
CA ASP A 549 23.48 -17.18 -23.46
C ASP A 549 22.20 -17.27 -24.26
N CYS A 550 21.21 -17.97 -23.72
CA CYS A 550 20.02 -18.30 -24.51
C CYS A 550 18.84 -17.36 -24.29
N ILE A 551 18.87 -16.57 -23.23
CA ILE A 551 17.77 -15.62 -23.04
C ILE A 551 18.11 -14.34 -23.79
N ASN A 552 17.46 -14.14 -24.93
CA ASN A 552 17.71 -12.96 -25.73
CA ASN A 552 17.71 -12.95 -25.74
C ASN A 552 16.45 -12.13 -25.99
N ALA A 553 15.43 -12.32 -25.17
CA ALA A 553 14.22 -11.52 -25.30
C ALA A 553 14.54 -10.07 -25.00
N SER A 554 14.02 -9.18 -25.83
CA SER A 554 14.14 -7.75 -25.58
C SER A 554 12.79 -7.09 -25.82
N TYR A 555 11.89 -7.26 -24.85
CA TYR A 555 10.58 -6.63 -24.89
C TYR A 555 10.68 -5.15 -24.52
N ARG A 556 9.69 -4.36 -24.93
CA ARG A 556 9.56 -2.97 -24.50
C ARG A 556 8.44 -2.84 -23.47
N TYR A 557 8.81 -2.44 -22.27
CA TYR A 557 7.85 -2.39 -21.16
C TYR A 557 7.37 -0.98 -20.82
N ASN B 6 -16.14 34.14 -2.23
CA ASN B 6 -16.32 32.87 -1.54
C ASN B 6 -15.59 31.71 -2.21
N SER B 7 -15.51 30.58 -1.51
CA SER B 7 -14.76 29.42 -1.97
C SER B 7 -15.54 28.12 -1.79
N PRO B 8 -16.58 27.89 -2.61
CA PRO B 8 -17.21 26.57 -2.53
C PRO B 8 -16.28 25.50 -3.07
N SER B 9 -16.28 24.31 -2.46
CA SER B 9 -15.51 23.17 -2.99
C SER B 9 -16.27 22.51 -4.14
N ILE B 10 -15.53 21.90 -5.06
CA ILE B 10 -16.08 21.51 -6.34
C ILE B 10 -17.10 20.36 -6.25
N ASP B 11 -16.85 19.43 -5.33
CA ASP B 11 -17.70 18.24 -5.19
C ASP B 11 -19.05 18.54 -4.55
N ILE B 12 -19.12 19.61 -3.76
CA ILE B 12 -20.36 19.93 -3.06
C ILE B 12 -20.98 21.26 -3.48
N LEU B 13 -20.20 22.09 -4.16
CA LEU B 13 -20.67 23.38 -4.64
C LEU B 13 -21.25 24.20 -3.50
N TYR B 14 -20.49 24.25 -2.40
CA TYR B 14 -20.96 24.83 -1.15
C TYR B 14 -19.76 25.23 -0.29
N ASP B 15 -19.82 26.43 0.27
CA ASP B 15 -18.78 26.96 1.13
C ASP B 15 -19.29 26.97 2.58
N TYR B 16 -18.55 26.36 3.50
CA TYR B 16 -18.96 26.35 4.90
C TYR B 16 -18.71 27.67 5.62
N GLY B 17 -17.81 28.49 5.05
CA GLY B 17 -17.41 29.76 5.66
C GLY B 17 -18.53 30.77 5.93
N PRO B 18 -19.29 31.13 4.87
CA PRO B 18 -20.45 32.03 5.03
C PRO B 18 -21.47 31.54 6.08
N PHE B 19 -21.81 30.26 6.04
CA PHE B 19 -22.72 29.69 7.02
C PHE B 19 -22.18 29.89 8.45
N LEU B 20 -20.93 29.49 8.67
CA LEU B 20 -20.32 29.60 10.00
C LEU B 20 -20.23 31.04 10.48
N LYS B 21 -20.00 31.97 9.55
CA LYS B 21 -19.91 33.39 9.91
C LYS B 21 -21.26 33.88 10.43
N LYS B 22 -22.30 33.59 9.66
CA LYS B 22 -23.67 33.95 9.98
C LYS B 22 -24.17 33.32 11.29
N CYS B 23 -23.66 32.13 11.61
CA CYS B 23 -24.11 31.39 12.78
C CYS B 23 -23.38 31.79 14.04
N GLU B 24 -22.19 32.37 13.86
CA GLU B 24 -21.36 32.82 14.99
C GLU B 24 -22.08 33.98 15.67
N MET B 25 -22.68 34.81 14.82
CA MET B 25 -23.52 35.92 15.19
C MET B 25 -24.75 35.51 16.03
N THR B 26 -25.41 34.43 15.60
CA THR B 26 -26.84 34.28 15.86
C THR B 26 -27.28 33.08 16.71
N GLY B 27 -26.36 32.44 17.42
CA GLY B 27 -26.74 31.35 18.30
C GLY B 27 -26.45 29.96 17.76
N GLY B 28 -25.59 29.85 16.75
CA GLY B 28 -25.09 28.56 16.32
C GLY B 28 -25.78 27.94 15.11
N ILE B 29 -25.51 26.66 14.88
CA ILE B 29 -25.99 26.02 13.67
C ILE B 29 -27.45 25.60 13.77
N GLY B 30 -27.99 25.62 14.98
CA GLY B 30 -29.39 25.33 15.18
C GLY B 30 -29.81 25.55 16.61
N SER B 31 -31.04 25.14 16.94
CA SER B 31 -31.58 25.31 18.28
C SER B 31 -32.78 24.40 18.57
N TYR B 32 -33.20 24.37 19.83
CA TYR B 32 -34.43 23.69 20.26
C TYR B 32 -35.37 24.67 20.97
N SER B 33 -36.69 24.46 20.85
CA SER B 33 -37.63 25.27 21.61
C SER B 33 -37.34 25.19 23.12
N ALA B 34 -37.63 26.26 23.84
CA ALA B 34 -37.31 26.32 25.27
C ALA B 34 -38.09 25.25 26.02
N GLY B 35 -37.46 24.66 27.03
CA GLY B 35 -38.07 23.56 27.75
C GLY B 35 -37.90 22.21 27.07
N THR B 36 -37.16 22.15 25.98
CA THR B 36 -36.89 20.89 25.30
C THR B 36 -35.72 20.12 25.91
N PRO B 37 -35.95 18.86 26.31
CA PRO B 37 -34.88 17.97 26.77
C PRO B 37 -34.00 17.53 25.58
N THR B 38 -32.70 17.78 25.72
CA THR B 38 -31.78 17.54 24.61
C THR B 38 -31.21 16.12 24.66
N PRO B 39 -30.79 15.60 23.48
CA PRO B 39 -30.28 14.23 23.40
C PRO B 39 -28.94 14.07 24.14
N ARG B 40 -28.69 12.89 24.68
CA ARG B 40 -27.36 12.52 25.15
C ARG B 40 -26.56 12.07 23.93
N VAL B 41 -25.50 12.79 23.63
CA VAL B 41 -24.73 12.50 22.43
C VAL B 41 -23.37 11.94 22.78
N ALA B 42 -22.98 10.85 22.12
CA ALA B 42 -21.59 10.40 22.23
C ALA B 42 -20.84 10.77 20.96
N ILE B 43 -19.62 11.26 21.11
CA ILE B 43 -18.76 11.45 19.97
C ILE B 43 -17.55 10.56 20.12
N VAL B 44 -17.34 9.66 19.17
CA VAL B 44 -16.13 8.84 19.24
C VAL B 44 -14.96 9.58 18.62
N GLY B 45 -14.01 9.99 19.46
CA GLY B 45 -12.81 10.65 18.99
C GLY B 45 -12.71 12.12 19.35
N ALA B 46 -11.59 12.51 19.91
CA ALA B 46 -11.33 13.90 20.27
C ALA B 46 -10.29 14.54 19.37
N GLY B 47 -10.39 14.28 18.07
CA GLY B 47 -9.61 15.02 17.09
C GLY B 47 -10.37 16.28 16.72
N ILE B 48 -9.97 16.92 15.62
CA ILE B 48 -10.61 18.16 15.22
C ILE B 48 -12.09 17.94 14.93
N SER B 49 -12.40 16.88 14.18
CA SER B 49 -13.79 16.61 13.82
C SER B 49 -14.68 16.42 15.04
N GLY B 50 -14.23 15.60 15.99
CA GLY B 50 -14.96 15.39 17.22
C GLY B 50 -15.15 16.66 18.04
N LEU B 51 -14.09 17.47 18.15
CA LEU B 51 -14.12 18.69 18.95
C LEU B 51 -15.01 19.76 18.32
N VAL B 52 -14.98 19.85 17.00
CA VAL B 52 -15.81 20.82 16.29
C VAL B 52 -17.30 20.45 16.44
N ALA B 53 -17.63 19.19 16.17
CA ALA B 53 -18.99 18.69 16.31
C ALA B 53 -19.54 18.92 17.72
N ALA B 54 -18.74 18.58 18.74
CA ALA B 54 -19.12 18.83 20.12
C ALA B 54 -19.31 20.31 20.38
N THR B 55 -18.39 21.12 19.83
CA THR B 55 -18.46 22.58 19.95
C THR B 55 -19.77 23.10 19.43
N GLU B 56 -20.12 22.77 18.19
CA GLU B 56 -21.35 23.32 17.60
C GLU B 56 -22.64 22.70 18.16
N LEU B 57 -22.53 21.50 18.72
CA LEU B 57 -23.66 20.89 19.40
C LEU B 57 -23.92 21.63 20.71
N LEU B 58 -22.87 21.86 21.49
CA LEU B 58 -22.99 22.62 22.72
C LEU B 58 -23.52 24.04 22.46
N ARG B 59 -22.97 24.69 21.44
CA ARG B 59 -23.42 26.03 21.03
C ARG B 59 -24.89 26.06 20.63
N ALA B 60 -25.39 24.92 20.14
CA ALA B 60 -26.79 24.85 19.69
C ALA B 60 -27.75 24.54 20.85
N GLY B 61 -27.20 24.15 22.00
CA GLY B 61 -28.03 23.92 23.17
C GLY B 61 -28.05 22.51 23.75
N VAL B 62 -27.32 21.57 23.13
CA VAL B 62 -27.25 20.22 23.66
C VAL B 62 -26.44 20.18 24.97
N LYS B 63 -27.12 19.82 26.07
CA LYS B 63 -26.52 19.87 27.39
C LYS B 63 -25.49 18.77 27.64
N ASP B 64 -25.77 17.56 27.17
CA ASP B 64 -24.95 16.41 27.52
C ASP B 64 -24.26 15.83 26.30
N VAL B 65 -23.02 16.22 26.09
CA VAL B 65 -22.19 15.52 25.11
C VAL B 65 -20.90 15.02 25.75
N VAL B 66 -20.59 13.76 25.50
CA VAL B 66 -19.31 13.20 25.90
C VAL B 66 -18.50 12.74 24.71
N LEU B 67 -17.21 13.07 24.75
CA LEU B 67 -16.26 12.66 23.74
C LEU B 67 -15.40 11.54 24.28
N TYR B 68 -15.32 10.45 23.54
CA TYR B 68 -14.44 9.36 23.92
C TYR B 68 -13.12 9.47 23.16
N GLU B 69 -12.03 9.20 23.85
CA GLU B 69 -10.70 9.29 23.24
C GLU B 69 -9.82 8.12 23.68
N SER B 70 -9.21 7.45 22.71
CA SER B 70 -8.41 6.26 22.99
C SER B 70 -6.93 6.57 23.31
N ARG B 71 -6.44 7.73 22.88
CA ARG B 71 -5.08 8.17 23.20
C ARG B 71 -5.01 8.84 24.58
N ASP B 72 -3.82 9.20 25.02
CA ASP B 72 -3.61 9.91 26.30
C ASP B 72 -3.67 11.41 26.10
N ARG B 73 -3.99 11.82 24.88
CA ARG B 73 -4.04 13.22 24.51
C ARG B 73 -5.21 13.45 23.58
N ILE B 74 -5.69 14.69 23.55
CA ILE B 74 -6.68 15.16 22.58
C ILE B 74 -5.93 15.54 21.29
N GLY B 75 -6.63 15.60 20.15
CA GLY B 75 -6.05 16.17 18.93
C GLY B 75 -5.90 15.24 17.74
N GLY B 76 -5.74 13.94 18.00
CA GLY B 76 -5.68 12.97 16.93
C GLY B 76 -4.53 13.24 15.99
N ARG B 77 -4.81 13.33 14.68
CA ARG B 77 -3.76 13.45 13.67
C ARG B 77 -3.22 14.87 13.57
N VAL B 78 -3.81 15.78 14.33
CA VAL B 78 -3.16 17.05 14.66
C VAL B 78 -2.29 16.79 15.89
N TRP B 79 -0.99 16.95 15.74
CA TRP B 79 -0.06 16.61 16.82
C TRP B 79 1.25 17.41 16.71
N SER B 80 1.24 18.59 17.32
CA SER B 80 2.41 19.46 17.38
C SER B 80 3.26 19.03 18.58
N GLN B 81 4.11 18.01 18.41
CA GLN B 81 4.84 17.43 19.53
C GLN B 81 6.01 18.31 19.96
N VAL B 82 6.14 18.53 21.27
CA VAL B 82 7.23 19.33 21.82
C VAL B 82 8.45 18.48 22.15
N PHE B 83 9.62 18.90 21.67
CA PHE B 83 10.88 18.24 22.06
C PHE B 83 11.12 18.38 23.55
N ASP B 84 10.95 19.60 24.05
CA ASP B 84 11.37 20.00 25.40
C ASP B 84 10.40 21.07 25.91
N GLN B 85 9.66 20.76 26.98
CA GLN B 85 8.63 21.65 27.48
C GLN B 85 9.23 22.89 28.08
N THR B 86 10.55 22.88 28.26
CA THR B 86 11.24 24.05 28.76
C THR B 86 11.22 25.09 27.66
N ARG B 87 11.27 24.60 26.42
CA ARG B 87 11.39 25.46 25.24
C ARG B 87 10.34 25.08 24.22
N PRO B 88 9.06 25.37 24.54
CA PRO B 88 7.93 24.78 23.85
C PRO B 88 7.72 25.33 22.43
N ARG B 89 8.46 26.36 22.04
CA ARG B 89 8.25 26.90 20.70
C ARG B 89 8.75 25.93 19.62
N TYR B 90 9.72 25.09 19.97
CA TYR B 90 10.23 24.13 19.01
C TYR B 90 9.39 22.86 19.03
N ILE B 91 8.71 22.64 17.91
CA ILE B 91 7.72 21.59 17.80
C ILE B 91 7.87 20.76 16.54
N ALA B 92 7.46 19.49 16.63
CA ALA B 92 7.48 18.58 15.51
C ALA B 92 6.06 18.22 15.07
N GLU B 93 5.62 18.77 13.95
CA GLU B 93 4.27 18.52 13.45
C GLU B 93 4.16 17.12 12.87
N MET B 94 3.82 16.17 13.74
CA MET B 94 3.77 14.77 13.33
C MET B 94 2.68 14.53 12.28
N GLY B 95 1.58 15.26 12.38
CA GLY B 95 0.46 15.08 11.47
C GLY B 95 0.32 16.25 10.51
N ALA B 96 -0.84 16.90 10.57
CA ALA B 96 -1.14 18.09 9.76
C ALA B 96 -0.04 19.15 9.91
N MET B 97 0.30 19.82 8.81
CA MET B 97 1.44 20.71 8.78
C MET B 97 1.27 21.98 7.93
N ARG B 98 0.57 21.86 6.79
CA ARG B 98 0.49 22.94 5.82
C ARG B 98 -0.97 23.30 5.60
N PHE B 99 -1.30 24.59 5.63
CA PHE B 99 -2.72 24.96 5.69
C PHE B 99 -3.14 26.00 4.65
N PRO B 100 -3.96 25.56 3.68
CA PRO B 100 -4.43 26.37 2.54
C PRO B 100 -5.60 27.26 2.91
N PRO B 101 -5.48 28.58 2.67
CA PRO B 101 -6.54 29.54 3.00
C PRO B 101 -7.89 29.23 2.33
N SER B 102 -7.90 28.43 1.27
CA SER B 102 -9.17 28.08 0.62
C SER B 102 -9.97 27.07 1.46
N ALA B 103 -9.32 26.46 2.45
CA ALA B 103 -10.02 25.63 3.42
C ALA B 103 -10.76 26.56 4.39
N THR B 104 -11.85 27.14 3.90
CA THR B 104 -12.58 28.14 4.66
C THR B 104 -13.21 27.61 5.94
N GLY B 105 -13.49 26.30 5.98
CA GLY B 105 -14.08 25.70 7.16
C GLY B 105 -13.07 25.66 8.29
N LEU B 106 -11.88 25.15 7.96
CA LEU B 106 -10.72 25.22 8.84
C LEU B 106 -10.41 26.66 9.25
N PHE B 107 -10.34 27.55 8.27
CA PHE B 107 -9.89 28.91 8.55
C PHE B 107 -10.88 29.73 9.36
N HIS B 108 -12.15 29.36 9.32
CA HIS B 108 -13.13 29.96 10.22
C HIS B 108 -12.70 29.83 11.67
N TYR B 109 -12.21 28.66 12.06
CA TYR B 109 -11.86 28.42 13.44
C TYR B 109 -10.46 28.95 13.79
N LEU B 110 -9.56 28.93 12.81
CA LEU B 110 -8.25 29.52 13.02
C LEU B 110 -8.38 31.02 13.30
N LYS B 111 -9.09 31.72 12.41
CA LYS B 111 -9.36 33.13 12.59
C LYS B 111 -10.05 33.43 13.91
N LYS B 112 -10.99 32.57 14.30
CA LYS B 112 -11.78 32.77 15.51
C LYS B 112 -10.89 32.77 16.75
N PHE B 113 -10.00 31.79 16.84
CA PHE B 113 -9.17 31.63 18.03
C PHE B 113 -7.89 32.47 17.92
N GLY B 114 -7.73 33.15 16.80
CA GLY B 114 -6.59 34.03 16.64
C GLY B 114 -5.30 33.25 16.53
N ILE B 115 -5.32 32.24 15.65
CA ILE B 115 -4.15 31.40 15.41
C ILE B 115 -3.54 31.85 14.07
N SER B 116 -2.42 32.56 14.17
CA SER B 116 -1.81 33.24 13.03
C SER B 116 -1.46 32.28 11.88
N THR B 117 -1.88 32.65 10.68
CA THR B 117 -1.52 31.90 9.48
C THR B 117 -0.80 32.81 8.49
N SER B 118 -0.15 33.85 9.01
CA SER B 118 0.45 34.89 8.17
C SER B 118 1.63 34.41 7.32
N THR B 119 2.42 33.50 7.88
CA THR B 119 3.67 33.07 7.25
C THR B 119 3.43 31.94 6.24
N THR B 120 4.08 32.01 5.08
CA THR B 120 3.92 30.96 4.10
C THR B 120 4.72 29.73 4.50
N PHE B 121 4.25 28.57 4.10
CA PHE B 121 5.00 27.35 4.38
C PHE B 121 6.15 27.20 3.38
N PRO B 122 7.29 26.67 3.85
CA PRO B 122 8.47 26.50 2.97
C PRO B 122 8.32 25.34 1.99
N ASP B 123 7.42 25.49 1.03
CA ASP B 123 7.21 24.46 0.03
C ASP B 123 8.32 24.52 -1.02
N PRO B 124 8.56 23.40 -1.72
CA PRO B 124 9.56 23.41 -2.79
C PRO B 124 9.19 24.52 -3.77
N GLY B 125 10.17 25.30 -4.20
CA GLY B 125 9.88 26.38 -5.14
C GLY B 125 9.47 27.69 -4.48
N VAL B 126 9.05 27.63 -3.21
CA VAL B 126 8.76 28.86 -2.46
C VAL B 126 10.02 29.35 -1.73
N VAL B 127 10.81 28.41 -1.23
CA VAL B 127 12.10 28.73 -0.63
C VAL B 127 13.22 28.09 -1.45
N ASP B 128 14.47 28.39 -1.14
CA ASP B 128 15.61 27.77 -1.84
C ASP B 128 15.52 26.26 -1.71
N THR B 129 15.45 25.56 -2.84
CA THR B 129 15.16 24.14 -2.83
C THR B 129 16.22 23.39 -3.66
N GLU B 130 16.55 22.18 -3.24
CA GLU B 130 17.33 21.27 -4.08
C GLU B 130 16.51 20.03 -4.39
N LEU B 131 16.55 19.62 -5.65
CA LEU B 131 16.01 18.34 -6.03
C LEU B 131 17.17 17.37 -6.21
N HIS B 132 17.15 16.25 -5.49
CA HIS B 132 18.18 15.24 -5.67
C HIS B 132 17.62 14.16 -6.58
N TYR B 133 18.32 13.88 -7.67
CA TYR B 133 17.80 12.99 -8.68
C TYR B 133 18.92 12.19 -9.34
N ARG B 134 18.92 10.89 -9.10
CA ARG B 134 19.88 10.00 -9.74
C ARG B 134 21.33 10.43 -9.52
N GLY B 135 21.65 10.76 -8.27
CA GLY B 135 23.02 11.05 -7.87
C GLY B 135 23.40 12.51 -7.96
N LYS B 136 22.59 13.31 -8.65
CA LYS B 136 22.91 14.72 -8.86
C LYS B 136 22.05 15.66 -8.04
N ARG B 137 22.62 16.82 -7.70
CA ARG B 137 21.91 17.86 -6.98
C ARG B 137 21.47 18.93 -7.97
N TYR B 138 20.19 19.26 -8.01
CA TYR B 138 19.73 20.35 -8.86
C TYR B 138 19.20 21.49 -8.00
N HIS B 139 19.54 22.71 -8.36
CA HIS B 139 19.13 23.87 -7.58
C HIS B 139 17.89 24.60 -8.09
N TRP B 140 16.99 24.90 -7.17
CA TRP B 140 15.72 25.53 -7.48
C TRP B 140 15.55 26.78 -6.61
N PRO B 141 16.03 27.93 -7.10
CA PRO B 141 16.07 29.18 -6.35
C PRO B 141 14.68 29.64 -5.94
N ALA B 142 14.55 30.18 -4.73
CA ALA B 142 13.25 30.60 -4.20
C ALA B 142 12.48 31.45 -5.18
N GLY B 143 11.20 31.13 -5.35
CA GLY B 143 10.33 31.93 -6.20
C GLY B 143 10.68 31.85 -7.67
N LYS B 144 11.53 30.90 -8.04
CA LYS B 144 11.89 30.75 -9.46
C LYS B 144 11.31 29.49 -10.08
N LYS B 145 11.38 29.41 -11.40
CA LYS B 145 11.05 28.18 -12.11
C LYS B 145 12.04 27.10 -11.68
N PRO B 146 11.64 25.82 -11.74
CA PRO B 146 12.55 24.74 -11.38
C PRO B 146 13.71 24.61 -12.35
N PRO B 147 14.74 23.86 -11.97
CA PRO B 147 15.91 23.77 -12.84
C PRO B 147 15.55 23.18 -14.20
N GLU B 148 16.36 23.50 -15.20
CA GLU B 148 16.05 23.26 -16.60
C GLU B 148 15.65 21.82 -16.95
N LEU B 149 16.29 20.85 -16.30
CA LEU B 149 15.96 19.44 -16.50
C LEU B 149 14.47 19.18 -16.24
N PHE B 150 13.91 19.90 -15.28
CA PHE B 150 12.55 19.63 -14.84
C PHE B 150 11.53 20.56 -15.50
N ARG B 151 12.00 21.32 -16.50
CA ARG B 151 11.18 22.40 -17.06
C ARG B 151 10.07 21.89 -17.97
N ARG B 152 10.36 20.90 -18.80
CA ARG B 152 9.34 20.34 -19.70
C ARG B 152 8.13 19.86 -18.92
N VAL B 153 8.36 19.17 -17.80
CA VAL B 153 7.25 18.62 -17.02
C VAL B 153 6.61 19.66 -16.10
N TYR B 154 7.40 20.63 -15.66
CA TYR B 154 6.83 21.76 -14.93
C TYR B 154 5.84 22.50 -15.81
N GLU B 155 6.29 22.86 -17.01
CA GLU B 155 5.48 23.69 -17.88
C GLU B 155 4.29 22.90 -18.41
N GLY B 156 4.49 21.60 -18.62
CA GLY B 156 3.43 20.74 -19.09
C GLY B 156 2.30 20.70 -18.09
N TRP B 157 2.63 20.55 -16.80
CA TRP B 157 1.61 20.56 -15.76
C TRP B 157 0.95 21.93 -15.69
N GLN B 158 1.75 23.00 -15.71
CA GLN B 158 1.20 24.35 -15.70
C GLN B 158 0.21 24.56 -16.85
N SER B 159 0.58 24.08 -18.03
CA SER B 159 -0.25 24.30 -19.21
C SER B 159 -1.56 23.52 -19.07
N LEU B 160 -1.49 22.31 -18.52
CA LEU B 160 -2.67 21.54 -18.22
C LEU B 160 -3.61 22.30 -17.27
N LEU B 161 -3.05 22.94 -16.25
CA LEU B 161 -3.92 23.68 -15.30
C LEU B 161 -4.63 24.86 -15.94
N SER B 162 -3.94 25.54 -16.86
CA SER B 162 -4.48 26.77 -17.42
C SER B 162 -5.15 26.58 -18.76
N GLU B 163 -4.81 25.50 -19.47
CA GLU B 163 -5.35 25.24 -20.82
C GLU B 163 -6.45 24.17 -20.87
N GLY B 164 -6.50 23.28 -19.88
CA GLY B 164 -7.36 22.12 -19.97
C GLY B 164 -6.74 21.04 -20.85
N TYR B 165 -7.56 20.16 -21.42
CA TYR B 165 -7.06 19.05 -22.24
C TYR B 165 -7.97 18.73 -23.44
N LEU B 166 -7.38 18.67 -24.63
CA LEU B 166 -8.14 18.33 -25.84
C LEU B 166 -8.38 16.84 -26.02
N LEU B 167 -9.62 16.41 -25.79
CA LEU B 167 -10.03 15.11 -26.26
C LEU B 167 -10.79 15.35 -27.55
N GLU B 168 -10.99 14.26 -28.29
CA GLU B 168 -11.55 14.38 -29.62
C GLU B 168 -13.07 14.52 -29.54
N GLY B 169 -13.69 13.76 -28.64
CA GLY B 169 -15.11 13.90 -28.39
C GLY B 169 -15.48 15.10 -27.52
N GLY B 170 -14.63 16.14 -27.57
CA GLY B 170 -14.88 17.38 -26.83
C GLY B 170 -13.86 17.54 -25.72
N SER B 171 -13.39 18.75 -25.53
CA SER B 171 -12.29 19.06 -24.60
C SER B 171 -12.73 19.28 -23.15
N LEU B 172 -11.76 19.34 -22.23
CA LEU B 172 -12.03 19.55 -20.80
C LEU B 172 -11.57 20.91 -20.29
N VAL B 173 -12.43 21.56 -19.49
CA VAL B 173 -12.17 22.91 -19.00
C VAL B 173 -10.92 22.95 -18.12
N ALA B 174 -10.12 24.01 -18.27
CA ALA B 174 -8.96 24.23 -17.42
C ALA B 174 -9.36 24.20 -15.94
N PRO B 175 -8.65 23.39 -15.14
CA PRO B 175 -8.83 23.41 -13.69
C PRO B 175 -8.85 24.84 -13.15
N LEU B 176 -7.90 25.66 -13.57
CA LEU B 176 -7.84 27.06 -13.11
C LEU B 176 -9.09 27.84 -13.53
N ASP B 177 -9.72 27.45 -14.64
CA ASP B 177 -11.00 28.05 -15.00
C ASP B 177 -12.15 27.52 -14.13
N ILE B 178 -12.10 26.24 -13.76
CA ILE B 178 -13.10 25.68 -12.86
C ILE B 178 -13.01 26.38 -11.51
N THR B 179 -11.79 26.65 -11.07
CA THR B 179 -11.54 27.44 -9.86
C THR B 179 -12.12 28.86 -9.95
N ALA B 180 -12.01 29.50 -11.12
CA ALA B 180 -12.53 30.86 -11.28
C ALA B 180 -14.05 30.85 -11.20
N MET B 181 -14.63 29.79 -11.78
CA MET B 181 -16.07 29.60 -11.73
C MET B 181 -16.56 29.52 -10.30
N LEU B 182 -15.91 28.68 -9.51
CA LEU B 182 -16.22 28.50 -8.10
C LEU B 182 -16.18 29.83 -7.33
N LYS B 183 -15.10 30.60 -7.51
CA LYS B 183 -14.97 31.87 -6.79
C LYS B 183 -15.99 32.90 -7.23
N SER B 184 -16.53 32.74 -8.43
CA SER B 184 -17.40 33.79 -8.97
C SER B 184 -18.88 33.41 -8.86
N GLY B 185 -19.17 32.26 -8.28
CA GLY B 185 -20.55 31.85 -8.05
C GLY B 185 -21.18 31.17 -9.24
N ARG B 186 -20.37 30.79 -10.21
CA ARG B 186 -20.90 30.06 -11.36
C ARG B 186 -20.90 28.57 -11.07
N LEU B 187 -21.84 28.13 -10.24
CA LEU B 187 -21.85 26.75 -9.74
C LEU B 187 -22.39 25.70 -10.73
N GLU B 188 -23.37 26.05 -11.56
CA GLU B 188 -23.85 25.08 -12.54
C GLU B 188 -22.74 24.85 -13.56
N GLU B 189 -22.10 25.96 -13.95
CA GLU B 189 -20.99 25.88 -14.87
C GLU B 189 -19.85 25.02 -14.32
N ALA B 190 -19.52 25.23 -13.05
CA ALA B 190 -18.43 24.47 -12.45
C ALA B 190 -18.79 22.99 -12.39
N ALA B 191 -20.05 22.70 -12.07
CA ALA B 191 -20.50 21.30 -11.95
C ALA B 191 -20.35 20.55 -13.28
N ILE B 192 -20.76 21.20 -14.36
CA ILE B 192 -20.70 20.57 -15.68
C ILE B 192 -19.24 20.32 -16.05
N ALA B 193 -18.39 21.33 -15.85
CA ALA B 193 -16.96 21.20 -16.12
C ALA B 193 -16.31 20.07 -15.34
N TRP B 194 -16.68 19.91 -14.06
CA TRP B 194 -16.12 18.85 -13.22
C TRP B 194 -16.60 17.47 -13.62
N GLN B 195 -17.90 17.34 -13.89
CA GLN B 195 -18.47 16.07 -14.35
C GLN B 195 -17.72 15.62 -15.59
N GLY B 196 -17.35 16.57 -16.44
CA GLY B 196 -16.57 16.30 -17.63
C GLY B 196 -15.29 15.54 -17.31
N TRP B 197 -14.52 16.07 -16.38
CA TRP B 197 -13.31 15.39 -15.91
C TRP B 197 -13.62 14.01 -15.34
N LEU B 198 -14.59 13.95 -14.41
CA LEU B 198 -14.98 12.67 -13.81
C LEU B 198 -15.26 11.61 -14.87
N ASN B 199 -16.08 11.97 -15.86
CA ASN B 199 -16.43 11.05 -16.94
C ASN B 199 -15.20 10.43 -17.59
N VAL B 200 -14.20 11.26 -17.85
CA VAL B 200 -12.97 10.79 -18.51
C VAL B 200 -11.98 10.08 -17.59
N PHE B 201 -11.79 10.58 -16.38
CA PHE B 201 -10.67 10.12 -15.55
C PHE B 201 -11.04 9.39 -14.25
N ARG B 202 -12.32 9.05 -14.09
CA ARG B 202 -12.79 8.39 -12.86
C ARG B 202 -12.11 7.06 -12.53
N ASP B 203 -11.71 6.32 -13.56
CA ASP B 203 -11.06 5.02 -13.37
C ASP B 203 -9.60 5.05 -13.80
N CYS B 204 -9.03 6.26 -13.84
CA CYS B 204 -7.63 6.45 -14.20
C CYS B 204 -6.79 6.91 -13.01
N SER B 205 -5.69 6.21 -12.74
CA SER B 205 -4.73 6.67 -11.74
C SER B 205 -4.05 7.95 -12.21
N PHE B 206 -3.42 8.62 -11.26
CA PHE B 206 -2.61 9.79 -11.54
C PHE B 206 -1.65 9.46 -12.68
N TYR B 207 -0.86 8.40 -12.48
CA TYR B 207 0.14 8.04 -13.47
C TYR B 207 -0.51 7.74 -14.83
N ASN B 208 -1.58 6.95 -14.82
CA ASN B 208 -2.23 6.59 -16.06
C ASN B 208 -2.74 7.82 -16.80
N ALA B 209 -3.38 8.72 -16.07
CA ALA B 209 -3.91 9.94 -16.66
C ALA B 209 -2.84 10.79 -17.31
N ILE B 210 -1.77 11.08 -16.58
CA ILE B 210 -0.69 11.92 -17.13
C ILE B 210 0.02 11.27 -18.33
N VAL B 211 0.04 9.93 -18.37
CA VAL B 211 0.54 9.25 -19.56
C VAL B 211 -0.35 9.55 -20.77
N CYS B 212 -1.66 9.40 -20.63
CA CYS B 212 -2.58 9.66 -21.73
C CYS B 212 -2.50 11.12 -22.16
N ILE B 213 -2.39 12.02 -21.19
CA ILE B 213 -2.45 13.44 -21.47
C ILE B 213 -1.16 13.93 -22.15
N PHE B 214 -0.02 13.51 -21.63
CA PHE B 214 1.24 14.07 -22.07
C PHE B 214 2.01 13.27 -23.10
N THR B 215 1.51 12.10 -23.48
CA THR B 215 2.13 11.35 -24.57
C THR B 215 1.15 11.16 -25.72
N GLY B 216 -0.01 11.79 -25.65
CA GLY B 216 -1.05 11.52 -26.64
C GLY B 216 -0.98 12.47 -27.83
N ARG B 217 -2.14 12.77 -28.38
CA ARG B 217 -2.20 13.62 -29.57
C ARG B 217 -2.09 15.12 -29.24
N HIS B 218 -2.53 15.51 -28.06
CA HIS B 218 -2.45 16.93 -27.71
C HIS B 218 -1.90 17.20 -26.30
N PRO B 219 -0.58 17.06 -26.12
CA PRO B 219 0.02 17.36 -24.82
C PRO B 219 -0.01 18.86 -24.50
N PRO B 220 -0.58 19.25 -23.35
CA PRO B 220 -0.42 20.64 -22.92
C PRO B 220 1.06 20.98 -22.80
N GLY B 221 1.41 22.23 -23.12
CA GLY B 221 2.80 22.65 -23.10
C GLY B 221 3.47 22.38 -24.45
N GLY B 222 2.77 21.64 -25.32
CA GLY B 222 3.27 21.40 -26.65
C GLY B 222 4.24 20.23 -26.77
N ASP B 223 5.02 19.97 -25.72
CA ASP B 223 5.98 18.87 -25.77
C ASP B 223 5.36 17.57 -25.28
N ARG B 224 5.61 16.50 -26.03
CA ARG B 224 5.15 15.19 -25.68
C ARG B 224 6.16 14.54 -24.75
N TRP B 225 5.72 14.10 -23.58
CA TRP B 225 6.64 13.62 -22.56
C TRP B 225 7.30 12.29 -22.95
N ALA B 226 8.60 12.21 -22.72
CA ALA B 226 9.35 10.99 -22.94
C ALA B 226 9.07 10.01 -21.82
N ARG B 227 8.90 8.74 -22.18
CA ARG B 227 8.57 7.71 -21.21
C ARG B 227 9.72 6.70 -21.22
N PRO B 228 10.31 6.42 -20.05
CA PRO B 228 9.81 6.85 -18.73
C PRO B 228 10.45 8.14 -18.15
N GLU B 229 11.50 8.65 -18.78
CA GLU B 229 12.32 9.72 -18.23
C GLU B 229 11.51 10.92 -17.65
N ASP B 230 10.63 11.51 -18.44
CA ASP B 230 9.84 12.67 -17.99
C ASP B 230 8.86 12.34 -16.86
N PHE B 231 8.42 11.09 -16.79
CA PHE B 231 7.49 10.73 -15.72
C PHE B 231 8.21 10.54 -14.39
N GLU B 232 9.44 10.03 -14.45
CA GLU B 232 10.32 10.04 -13.29
C GLU B 232 10.63 11.45 -12.82
N LEU B 233 10.82 12.37 -13.77
CA LEU B 233 11.13 13.74 -13.40
C LEU B 233 9.93 14.37 -12.71
N PHE B 234 8.76 14.23 -13.32
CA PHE B 234 7.53 14.77 -12.77
C PHE B 234 7.28 14.19 -11.37
N GLY B 235 7.49 12.88 -11.23
CA GLY B 235 7.36 12.21 -9.96
C GLY B 235 8.21 12.80 -8.86
N SER B 236 9.38 13.35 -9.24
CA SER B 236 10.26 13.97 -8.28
C SER B 236 9.86 15.42 -8.05
N LEU B 237 9.47 16.11 -9.12
CA LEU B 237 9.09 17.52 -9.03
C LEU B 237 7.79 17.76 -8.23
N GLY B 238 6.80 16.91 -8.45
CA GLY B 238 5.53 17.09 -7.77
C GLY B 238 4.75 18.26 -8.34
N ILE B 239 3.73 18.71 -7.62
CA ILE B 239 2.81 19.74 -8.10
C ILE B 239 2.58 20.88 -7.11
N GLY B 240 3.36 20.89 -6.04
CA GLY B 240 3.34 21.97 -5.07
C GLY B 240 3.63 21.51 -3.65
N SER B 241 3.59 20.20 -3.44
CA SER B 241 3.70 19.62 -2.10
C SER B 241 4.85 18.63 -2.02
N GLY B 242 5.75 18.67 -3.00
CA GLY B 242 6.89 17.77 -3.03
C GLY B 242 6.67 16.61 -3.99
N GLY B 243 7.58 15.63 -3.98
CA GLY B 243 7.50 14.49 -4.87
C GLY B 243 6.24 13.66 -4.70
N PHE B 244 5.48 13.50 -5.79
CA PHE B 244 4.23 12.73 -5.75
C PHE B 244 4.32 11.32 -6.33
N LEU B 245 5.55 10.86 -6.58
CA LEU B 245 5.78 9.49 -7.05
C LEU B 245 4.99 8.40 -6.28
N PRO B 246 5.05 8.42 -4.92
CA PRO B 246 4.38 7.36 -4.18
C PRO B 246 2.86 7.42 -4.25
N VAL B 247 2.29 8.56 -4.63
CA VAL B 247 0.84 8.63 -4.84
C VAL B 247 0.43 8.58 -6.32
N PHE B 248 1.30 8.03 -7.16
CA PHE B 248 1.01 7.89 -8.59
C PHE B 248 -0.12 6.89 -8.83
N GLN B 249 -0.37 6.03 -7.85
CA GLN B 249 -1.46 5.05 -7.98
C GLN B 249 -2.84 5.58 -7.57
N ALA B 250 -2.88 6.75 -6.95
CA ALA B 250 -4.16 7.32 -6.50
C ALA B 250 -4.99 7.78 -7.68
N GLY B 251 -6.30 7.88 -7.47
CA GLY B 251 -7.20 8.37 -8.49
C GLY B 251 -6.79 9.76 -8.95
N PHE B 252 -6.68 9.94 -10.26
CA PHE B 252 -6.36 11.24 -10.80
C PHE B 252 -7.34 12.32 -10.34
N THR B 253 -8.59 11.92 -10.11
CA THR B 253 -9.61 12.88 -9.69
C THR B 253 -9.33 13.41 -8.29
N GLU B 254 -8.71 12.58 -7.45
CA GLU B 254 -8.30 13.03 -6.11
C GLU B 254 -7.24 14.14 -6.19
N ILE B 255 -6.38 14.06 -7.18
CA ILE B 255 -5.35 15.06 -7.40
C ILE B 255 -5.97 16.36 -7.90
N LEU B 256 -6.74 16.25 -8.98
CA LEU B 256 -7.49 17.37 -9.57
C LEU B 256 -8.32 18.17 -8.58
N ARG B 257 -9.07 17.47 -7.73
CA ARG B 257 -9.94 18.19 -6.79
C ARG B 257 -9.15 19.00 -5.78
N MET B 258 -7.99 18.48 -5.36
CA MET B 258 -7.09 19.25 -4.49
C MET B 258 -6.68 20.54 -5.18
N VAL B 259 -6.37 20.43 -6.47
CA VAL B 259 -5.89 21.58 -7.22
C VAL B 259 -7.00 22.61 -7.40
N ILE B 260 -8.12 22.15 -7.95
CA ILE B 260 -9.28 23.01 -8.19
C ILE B 260 -9.75 23.72 -6.92
N ASN B 261 -9.77 22.99 -5.79
CA ASN B 261 -10.15 23.55 -4.50
C ASN B 261 -9.08 24.47 -3.86
N GLY B 262 -7.96 24.65 -4.54
CA GLY B 262 -6.91 25.54 -4.08
C GLY B 262 -6.10 25.02 -2.89
N TYR B 263 -6.06 23.71 -2.70
CA TYR B 263 -5.37 23.13 -1.55
C TYR B 263 -3.87 22.97 -1.81
N GLN B 264 -3.49 23.08 -3.08
CA GLN B 264 -2.08 23.13 -3.46
C GLN B 264 -1.60 24.59 -3.64
N SER B 265 -2.33 25.54 -3.06
CA SER B 265 -2.03 26.96 -3.25
C SER B 265 -1.81 27.73 -1.94
N ASP B 266 -0.79 28.58 -1.92
CA ASP B 266 -0.60 29.56 -0.84
C ASP B 266 -0.62 28.94 0.56
N GLN B 267 -0.04 27.74 0.69
CA GLN B 267 0.02 27.02 1.96
C GLN B 267 0.62 27.87 3.08
N ARG B 268 -0.01 27.86 4.25
CA ARG B 268 0.50 28.61 5.37
C ARG B 268 1.10 27.71 6.43
N LEU B 269 1.96 28.30 7.26
CA LEU B 269 2.57 27.62 8.39
C LEU B 269 1.99 28.23 9.67
N ILE B 270 1.76 27.40 10.67
CA ILE B 270 1.25 27.88 11.95
C ILE B 270 2.33 27.77 13.03
N PRO B 271 3.06 28.87 13.27
CA PRO B 271 4.19 28.85 14.21
C PRO B 271 3.78 28.36 15.60
N ASP B 272 2.56 28.66 16.02
CA ASP B 272 2.09 28.22 17.33
C ASP B 272 1.84 26.72 17.36
N GLY B 273 1.81 26.11 16.17
CA GLY B 273 1.51 24.70 16.07
C GLY B 273 0.02 24.49 15.87
N ILE B 274 -0.32 23.56 14.98
CA ILE B 274 -1.71 23.28 14.69
C ILE B 274 -2.44 22.66 15.90
N SER B 275 -1.70 22.08 16.84
CA SER B 275 -2.30 21.61 18.09
C SER B 275 -3.00 22.73 18.87
N SER B 276 -2.63 23.98 18.61
CA SER B 276 -3.28 25.09 19.31
C SER B 276 -4.74 25.25 18.89
N LEU B 277 -5.10 24.74 17.71
CA LEU B 277 -6.52 24.70 17.32
C LEU B 277 -7.30 23.76 18.24
N ALA B 278 -6.69 22.62 18.55
CA ALA B 278 -7.30 21.63 19.43
C ALA B 278 -7.38 22.13 20.87
N ALA B 279 -6.30 22.77 21.33
CA ALA B 279 -6.24 23.32 22.68
C ALA B 279 -7.31 24.38 22.87
N ARG B 280 -7.47 25.28 21.88
CA ARG B 280 -8.42 26.37 21.99
C ARG B 280 -9.86 25.90 21.93
N LEU B 281 -10.15 24.97 21.02
CA LEU B 281 -11.47 24.33 20.98
C LEU B 281 -11.78 23.69 22.35
N ALA B 282 -10.82 22.92 22.85
CA ALA B 282 -10.98 22.25 24.14
C ALA B 282 -11.11 23.24 25.31
N ASP B 283 -10.49 24.41 25.17
CA ASP B 283 -10.50 25.40 26.25
C ASP B 283 -11.79 26.21 26.32
N GLN B 284 -12.62 26.12 25.29
CA GLN B 284 -13.94 26.75 25.33
C GLN B 284 -14.76 26.31 26.55
N SER B 285 -15.45 27.26 27.16
CA SER B 285 -16.28 26.93 28.31
C SER B 285 -17.75 26.96 27.94
N PHE B 286 -18.48 25.89 28.29
CA PHE B 286 -19.93 25.84 28.07
C PHE B 286 -20.62 25.43 29.36
N ASP B 287 -21.59 26.25 29.77
CA ASP B 287 -22.34 26.03 30.99
C ASP B 287 -21.38 25.83 32.16
N GLY B 288 -20.35 26.67 32.21
CA GLY B 288 -19.39 26.62 33.29
C GLY B 288 -18.41 25.47 33.22
N LYS B 289 -18.37 24.77 32.10
CA LYS B 289 -17.52 23.58 32.00
C LYS B 289 -16.79 23.55 30.66
N ALA B 290 -15.46 23.35 30.71
CA ALA B 290 -14.63 23.30 29.51
C ALA B 290 -14.92 22.07 28.65
N LEU B 291 -14.81 22.23 27.33
CA LEU B 291 -14.92 21.12 26.40
C LEU B 291 -13.98 20.00 26.79
N ARG B 292 -12.76 20.35 27.19
CA ARG B 292 -11.75 19.37 27.56
C ARG B 292 -12.27 18.43 28.64
N ASP B 293 -13.08 18.95 29.56
CA ASP B 293 -13.57 18.11 30.66
C ASP B 293 -14.70 17.18 30.26
N ARG B 294 -15.18 17.29 29.03
CA ARG B 294 -16.19 16.37 28.52
C ARG B 294 -15.53 15.18 27.80
N VAL B 295 -14.22 15.22 27.71
CA VAL B 295 -13.48 14.11 27.12
C VAL B 295 -13.30 12.98 28.12
N CYS B 296 -13.80 11.80 27.75
CA CYS B 296 -13.55 10.62 28.56
C CYS B 296 -12.41 9.86 27.91
N PHE B 297 -11.35 9.66 28.67
CA PHE B 297 -10.20 8.95 28.14
C PHE B 297 -10.38 7.44 28.27
N SER B 298 -11.14 6.91 27.32
CA SER B 298 -11.46 5.51 27.27
C SER B 298 -11.68 5.11 25.83
N ARG B 299 -11.10 3.98 25.44
CA ARG B 299 -11.25 3.46 24.09
C ARG B 299 -12.65 2.85 23.94
N VAL B 300 -13.34 3.21 22.86
CA VAL B 300 -14.64 2.65 22.57
C VAL B 300 -14.48 1.37 21.75
N GLY B 301 -15.19 0.33 22.15
CA GLY B 301 -15.19 -0.91 21.39
C GLY B 301 -16.43 -1.04 20.55
N ARG B 302 -17.13 -2.15 20.71
CA ARG B 302 -18.35 -2.41 19.97
C ARG B 302 -19.41 -1.33 20.18
N ILE B 303 -20.05 -0.94 19.09
CA ILE B 303 -21.18 -0.05 19.15
C ILE B 303 -22.40 -0.79 18.63
N SER B 304 -23.44 -0.86 19.45
CA SER B 304 -24.64 -1.61 19.08
C SER B 304 -25.90 -0.79 19.30
N ARG B 305 -27.00 -1.30 18.76
CA ARG B 305 -28.29 -0.64 18.77
C ARG B 305 -29.29 -1.52 19.49
N GLU B 306 -30.03 -0.93 20.42
CA GLU B 306 -31.12 -1.63 21.12
C GLU B 306 -32.33 -0.74 21.07
N ALA B 307 -33.30 -1.12 20.24
CA ALA B 307 -34.46 -0.28 19.97
C ALA B 307 -34.01 1.05 19.36
N GLU B 308 -34.40 2.17 19.95
CA GLU B 308 -34.07 3.43 19.30
C GLU B 308 -32.85 4.08 19.96
N LYS B 309 -32.06 3.24 20.64
CA LYS B 309 -30.96 3.73 21.46
C LYS B 309 -29.62 3.11 21.09
N ILE B 310 -28.53 3.80 21.46
CA ILE B 310 -27.20 3.37 21.06
C ILE B 310 -26.32 2.96 22.23
N ILE B 311 -25.73 1.77 22.11
CA ILE B 311 -24.91 1.17 23.16
C ILE B 311 -23.42 1.29 22.84
N ILE B 312 -22.67 1.96 23.70
CA ILE B 312 -21.22 2.04 23.55
C ILE B 312 -20.50 1.18 24.58
N GLN B 313 -19.70 0.24 24.09
CA GLN B 313 -18.83 -0.54 24.95
C GLN B 313 -17.54 0.24 25.18
N THR B 314 -17.12 0.37 26.43
CA THR B 314 -15.86 1.05 26.71
C THR B 314 -14.84 0.07 27.27
N GLU B 315 -13.56 0.44 27.20
CA GLU B 315 -12.48 -0.51 27.51
C GLU B 315 -12.56 -1.00 28.95
N ALA B 316 -13.13 -0.19 29.84
CA ALA B 316 -13.30 -0.61 31.22
C ALA B 316 -14.19 -1.85 31.28
N GLY B 317 -15.07 -2.00 30.29
CA GLY B 317 -16.03 -3.10 30.22
C GLY B 317 -17.39 -2.47 30.50
N GLU B 318 -17.31 -1.31 31.12
CA GLU B 318 -18.40 -0.36 31.29
C GLU B 318 -19.24 -0.30 30.02
N GLN B 319 -20.50 0.07 30.16
CA GLN B 319 -21.34 0.13 28.99
C GLN B 319 -22.38 1.23 29.10
N ARG B 320 -22.24 2.26 28.27
CA ARG B 320 -23.05 3.45 28.39
C ARG B 320 -23.99 3.65 27.21
N VAL B 321 -25.20 4.12 27.49
CA VAL B 321 -26.16 4.35 26.43
C VAL B 321 -26.40 5.83 26.10
N PHE B 322 -26.56 6.10 24.80
CA PHE B 322 -26.76 7.46 24.33
C PHE B 322 -27.92 7.48 23.36
N ASP B 323 -28.34 8.68 22.99
CA ASP B 323 -29.45 8.87 22.06
C ASP B 323 -28.97 8.98 20.63
N ARG B 324 -27.82 9.63 20.45
CA ARG B 324 -27.19 9.77 19.14
C ARG B 324 -25.69 9.68 19.29
N VAL B 325 -25.02 9.18 18.26
CA VAL B 325 -23.57 9.05 18.29
C VAL B 325 -22.96 9.52 16.98
N ILE B 326 -21.86 10.27 17.10
CA ILE B 326 -21.03 10.62 15.94
C ILE B 326 -19.68 9.92 16.03
N VAL B 327 -19.30 9.20 14.98
CA VAL B 327 -18.07 8.41 14.99
C VAL B 327 -17.01 9.06 14.10
N THR B 328 -15.85 9.38 14.68
CA THR B 328 -14.79 10.04 13.89
C THR B 328 -13.50 9.22 13.84
N SER B 329 -13.52 8.03 14.42
CA SER B 329 -12.37 7.14 14.29
C SER B 329 -12.23 6.68 12.84
N SER B 330 -11.14 5.98 12.53
CA SER B 330 -10.87 5.54 11.17
C SER B 330 -11.93 4.55 10.68
N ASN B 331 -12.14 4.50 9.37
CA ASN B 331 -13.05 3.50 8.79
C ASN B 331 -12.59 2.09 9.12
N ARG B 332 -11.31 1.94 9.39
CA ARG B 332 -10.76 0.67 9.85
C ARG B 332 -11.31 0.34 11.24
N ALA B 333 -11.26 1.32 12.15
CA ALA B 333 -11.85 1.16 13.48
C ALA B 333 -13.34 0.88 13.40
N MET B 334 -14.02 1.59 12.51
CA MET B 334 -15.47 1.41 12.33
C MET B 334 -15.82 -0.03 11.93
N GLN B 335 -15.01 -0.62 11.06
CA GLN B 335 -15.23 -2.00 10.65
C GLN B 335 -14.85 -3.02 11.73
N MET B 336 -13.62 -2.91 12.23
CA MET B 336 -13.02 -3.94 13.06
C MET B 336 -13.22 -3.79 14.57
N ILE B 337 -13.50 -2.58 15.03
CA ILE B 337 -13.57 -2.33 16.46
C ILE B 337 -15.01 -2.01 16.83
N HIS B 338 -15.57 -1.03 16.14
CA HIS B 338 -16.93 -0.62 16.42
C HIS B 338 -17.93 -1.62 15.84
N CYS B 339 -17.46 -2.41 14.88
CA CYS B 339 -18.26 -3.46 14.24
C CYS B 339 -19.52 -2.91 13.55
N LEU B 340 -19.34 -1.84 12.77
CA LEU B 340 -20.46 -1.15 12.16
C LEU B 340 -20.80 -1.72 10.79
N THR B 341 -20.11 -2.77 10.38
CA THR B 341 -20.30 -3.29 9.04
C THR B 341 -20.80 -4.75 9.07
N ASP B 342 -21.10 -5.27 10.26
CA ASP B 342 -21.58 -6.66 10.37
C ASP B 342 -22.99 -6.83 9.84
N SER B 343 -23.77 -5.75 9.84
CA SER B 343 -25.17 -5.85 9.48
C SER B 343 -25.64 -4.52 8.96
N GLU B 344 -26.96 -4.39 8.78
CA GLU B 344 -27.57 -3.15 8.35
C GLU B 344 -28.15 -2.38 9.53
N SER B 345 -27.65 -2.66 10.72
CA SER B 345 -28.09 -2.02 11.95
C SER B 345 -27.86 -0.51 11.98
N PHE B 346 -26.70 -0.09 11.51
CA PHE B 346 -26.37 1.34 11.48
C PHE B 346 -26.14 1.90 10.08
N LEU B 347 -25.51 1.11 9.20
CA LEU B 347 -25.20 1.59 7.87
C LEU B 347 -25.83 0.72 6.78
N SER B 348 -26.21 1.33 5.66
CA SER B 348 -26.66 0.56 4.50
C SER B 348 -25.52 -0.28 3.97
N ARG B 349 -25.81 -1.25 3.12
CA ARG B 349 -24.76 -2.10 2.58
CA ARG B 349 -24.76 -2.11 2.58
C ARG B 349 -23.80 -1.30 1.71
N ASP B 350 -24.34 -0.30 1.01
CA ASP B 350 -23.54 0.55 0.16
C ASP B 350 -22.52 1.36 0.96
N VAL B 351 -22.96 1.91 2.09
CA VAL B 351 -22.09 2.72 2.94
C VAL B 351 -21.08 1.83 3.65
N ALA B 352 -21.53 0.66 4.08
CA ALA B 352 -20.64 -0.33 4.67
C ALA B 352 -19.51 -0.69 3.71
N ARG B 353 -19.82 -0.84 2.42
CA ARG B 353 -18.77 -1.08 1.43
C ARG B 353 -17.78 0.08 1.39
N ALA B 354 -18.29 1.30 1.49
CA ALA B 354 -17.42 2.47 1.52
C ALA B 354 -16.49 2.40 2.74
N VAL B 355 -17.05 2.03 3.90
CA VAL B 355 -16.27 1.94 5.13
C VAL B 355 -15.21 0.86 5.03
N ARG B 356 -15.59 -0.29 4.51
CA ARG B 356 -14.66 -1.40 4.46
C ARG B 356 -13.53 -1.21 3.45
N GLU B 357 -13.82 -0.54 2.34
CA GLU B 357 -12.88 -0.51 1.22
C GLU B 357 -12.12 0.81 0.98
N THR B 358 -12.50 1.86 1.71
CA THR B 358 -11.79 3.14 1.63
C THR B 358 -10.31 2.98 1.98
N HIS B 359 -9.45 3.51 1.12
CA HIS B 359 -8.00 3.39 1.28
C HIS B 359 -7.36 4.46 2.16
N LEU B 360 -6.65 4.04 3.20
CA LEU B 360 -5.86 4.97 3.99
C LEU B 360 -4.39 4.84 3.61
N THR B 361 -3.72 5.97 3.45
CA THR B 361 -2.30 5.96 3.10
C THR B 361 -1.44 5.60 4.29
N GLY B 362 -0.21 5.23 4.00
CA GLY B 362 0.84 5.22 5.00
C GLY B 362 1.63 6.53 4.90
N SER B 363 2.15 6.97 6.03
CA SER B 363 2.99 8.15 6.04
C SER B 363 3.81 8.15 7.31
N SER B 364 5.04 8.62 7.18
CA SER B 364 5.93 8.67 8.33
C SER B 364 6.71 9.96 8.33
N LYS B 365 7.11 10.39 9.53
CA LYS B 365 7.90 11.60 9.71
C LYS B 365 8.96 11.38 10.77
N LEU B 366 10.14 11.95 10.54
CA LEU B 366 11.18 12.00 11.57
C LEU B 366 11.74 13.42 11.60
N PHE B 367 11.80 13.99 12.80
CA PHE B 367 12.25 15.35 13.01
C PHE B 367 13.50 15.33 13.87
N ILE B 368 14.33 16.35 13.72
CA ILE B 368 15.48 16.52 14.61
C ILE B 368 15.64 18.00 15.02
N LEU B 369 15.89 18.23 16.31
CA LEU B 369 16.14 19.57 16.80
C LEU B 369 17.63 19.83 16.76
N THR B 370 18.06 20.71 15.85
CA THR B 370 19.49 21.03 15.71
C THR B 370 19.84 22.26 16.54
N ARG B 371 21.11 22.41 16.91
CA ARG B 371 21.54 23.54 17.72
C ARG B 371 21.24 24.88 17.03
N THR B 372 21.41 24.92 15.72
CA THR B 372 21.28 26.16 14.96
C THR B 372 20.43 25.97 13.70
N LYS B 373 19.94 27.07 13.15
CA LYS B 373 19.23 27.00 11.89
C LYS B 373 20.26 27.06 10.75
N PHE B 374 21.07 26.01 10.68
CA PHE B 374 22.30 25.97 9.89
C PHE B 374 22.15 26.33 8.40
N TRP B 375 20.94 26.17 7.88
CA TRP B 375 20.68 26.37 6.46
C TRP B 375 20.63 27.84 6.09
N ILE B 376 20.48 28.73 7.07
CA ILE B 376 20.32 30.14 6.74
C ILE B 376 21.66 30.79 6.45
N LYS B 377 22.54 30.80 7.44
CA LYS B 377 23.83 31.49 7.27
C LYS B 377 24.80 30.73 6.36
N ASN B 378 24.63 29.42 6.23
CA ASN B 378 25.45 28.67 5.30
C ASN B 378 24.85 28.62 3.90
N LYS B 379 25.43 27.81 3.03
CA LYS B 379 25.07 27.84 1.60
C LYS B 379 23.78 27.07 1.25
N LEU B 380 23.07 26.59 2.27
CA LEU B 380 22.22 25.41 2.11
C LEU B 380 20.76 25.63 1.65
N PRO B 381 20.15 24.60 1.05
CA PRO B 381 18.71 24.68 0.74
C PRO B 381 17.87 24.67 2.01
N THR B 382 16.68 25.25 1.92
CA THR B 382 15.71 25.19 3.00
C THR B 382 14.93 23.89 2.90
N THR B 383 14.74 23.43 1.66
CA THR B 383 13.98 22.22 1.36
C THR B 383 14.72 21.37 0.34
N ILE B 384 14.67 20.06 0.53
CA ILE B 384 15.28 19.11 -0.39
C ILE B 384 14.24 18.07 -0.75
N GLN B 385 14.06 17.84 -2.05
CA GLN B 385 13.13 16.81 -2.52
C GLN B 385 13.97 15.76 -3.22
N SER B 386 13.93 14.52 -2.70
CA SER B 386 14.92 13.53 -3.08
C SER B 386 14.30 12.23 -3.58
N ASP B 387 14.97 11.60 -4.54
CA ASP B 387 14.56 10.26 -4.99
C ASP B 387 15.21 9.20 -4.11
N GLY B 388 15.91 9.65 -3.08
CA GLY B 388 16.48 8.76 -2.08
C GLY B 388 15.50 8.48 -0.95
N LEU B 389 16.01 7.84 0.10
CA LEU B 389 15.20 7.32 1.20
C LEU B 389 14.46 8.44 1.93
N VAL B 390 15.19 9.52 2.11
CA VAL B 390 14.73 10.69 2.81
C VAL B 390 13.44 11.29 2.20
N ARG B 391 13.34 11.26 0.87
CA ARG B 391 12.21 11.84 0.11
C ARG B 391 12.06 13.37 0.29
N GLY B 392 11.27 13.78 1.28
CA GLY B 392 11.06 15.20 1.54
C GLY B 392 11.72 15.70 2.80
N VAL B 393 12.62 16.67 2.67
CA VAL B 393 13.26 17.33 3.80
C VAL B 393 12.77 18.77 3.93
N TYR B 394 12.44 19.19 5.14
CA TYR B 394 12.02 20.57 5.36
C TYR B 394 12.73 21.16 6.57
N CYS B 395 13.37 22.31 6.35
CA CYS B 395 13.97 23.03 7.46
C CYS B 395 13.02 24.10 7.94
N LEU B 396 12.76 24.14 9.23
CA LEU B 396 11.69 24.98 9.77
C LEU B 396 12.19 26.01 10.78
N ASP B 397 11.79 27.27 10.57
CA ASP B 397 12.16 28.37 11.45
C ASP B 397 10.98 28.79 12.31
N TYR B 398 11.05 28.47 13.60
CA TYR B 398 9.95 28.74 14.51
C TYR B 398 10.15 29.99 15.35
N GLN B 399 11.15 30.80 14.97
CA GLN B 399 11.37 32.12 15.56
C GLN B 399 12.22 32.98 14.59
N PRO B 400 11.64 33.39 13.45
CA PRO B 400 12.40 34.07 12.39
C PRO B 400 13.14 35.33 12.86
N ASP B 401 12.67 35.94 13.95
CA ASP B 401 13.32 37.16 14.47
C ASP B 401 14.51 36.85 15.34
N GLU B 402 14.72 35.58 15.66
CA GLU B 402 15.94 35.17 16.35
C GLU B 402 16.73 34.19 15.49
N PRO B 403 17.52 34.74 14.54
CA PRO B 403 18.29 33.95 13.59
C PRO B 403 19.26 32.99 14.25
N GLU B 404 19.55 33.19 15.54
CA GLU B 404 20.45 32.32 16.25
C GLU B 404 19.73 31.37 17.21
N GLY B 405 18.45 31.15 16.97
CA GLY B 405 17.71 30.13 17.71
C GLY B 405 17.91 28.71 17.17
N HIS B 406 17.24 27.75 17.79
CA HIS B 406 17.34 26.34 17.41
C HIS B 406 16.71 26.06 16.05
N GLY B 407 17.15 24.99 15.40
CA GLY B 407 16.52 24.57 14.17
C GLY B 407 15.61 23.37 14.38
N VAL B 408 14.53 23.31 13.60
CA VAL B 408 13.74 22.09 13.51
C VAL B 408 13.85 21.57 12.09
N VAL B 409 14.28 20.33 11.96
CA VAL B 409 14.44 19.75 10.64
C VAL B 409 13.52 18.54 10.50
N LEU B 410 12.57 18.63 9.59
CA LEU B 410 11.81 17.46 9.18
C LEU B 410 12.74 16.72 8.22
N LEU B 411 13.50 15.78 8.76
CA LEU B 411 14.55 15.12 7.97
C LEU B 411 13.97 14.15 6.95
N SER B 412 12.86 13.52 7.29
CA SER B 412 12.19 12.64 6.33
C SER B 412 10.67 12.63 6.49
N TYR B 413 9.97 12.92 5.40
CA TYR B 413 8.51 12.89 5.34
C TYR B 413 8.15 12.07 4.12
N THR B 414 7.51 10.91 4.34
CA THR B 414 7.29 9.95 3.26
C THR B 414 5.85 9.51 3.18
N TRP B 415 5.42 9.10 1.98
CA TRP B 415 4.08 8.56 1.79
C TRP B 415 4.14 7.13 1.26
N GLU B 416 3.10 6.37 1.60
CA GLU B 416 2.88 5.05 1.06
C GLU B 416 4.12 4.18 1.09
N ASP B 417 4.54 3.66 -0.06
CA ASP B 417 5.74 2.79 -0.14
C ASP B 417 6.97 3.40 0.50
N ASP B 418 7.17 4.70 0.30
CA ASP B 418 8.35 5.38 0.84
C ASP B 418 8.35 5.33 2.36
N ALA B 419 7.15 5.23 2.94
CA ALA B 419 6.98 5.15 4.38
C ALA B 419 6.94 3.71 4.86
N GLN B 420 6.37 2.84 4.04
CA GLN B 420 6.33 1.42 4.37
C GLN B 420 7.77 0.89 4.57
N LYS B 421 8.73 1.50 3.86
CA LYS B 421 10.16 1.22 4.02
C LYS B 421 10.73 1.47 5.40
N MET B 422 10.21 2.50 6.07
CA MET B 422 10.66 2.86 7.41
C MET B 422 10.21 1.84 8.46
N LEU B 423 9.34 0.92 8.09
CA LEU B 423 8.74 0.02 9.10
C LEU B 423 9.76 -0.88 9.81
N ALA B 424 10.72 -1.43 9.08
CA ALA B 424 11.88 -2.07 9.71
C ALA B 424 12.68 -0.87 10.19
N MET B 425 13.61 -1.04 11.11
CA MET B 425 14.20 0.13 11.80
C MET B 425 13.21 1.12 12.48
N PRO B 426 12.49 0.63 13.51
CA PRO B 426 11.62 1.45 14.37
C PRO B 426 12.42 2.14 15.46
N ASP B 427 13.69 1.76 15.62
CA ASP B 427 14.54 2.41 16.60
C ASP B 427 14.93 3.76 16.03
N LYS B 428 14.46 4.84 16.65
CA LYS B 428 14.63 6.16 16.05
C LYS B 428 16.10 6.60 15.90
N LYS B 429 16.96 6.20 16.85
CA LYS B 429 18.40 6.42 16.69
C LYS B 429 18.88 5.77 15.39
N THR B 430 18.51 4.50 15.21
CA THR B 430 18.94 3.76 14.01
C THR B 430 18.34 4.35 12.73
N ARG B 431 17.05 4.66 12.79
CA ARG B 431 16.41 5.27 11.62
C ARG B 431 17.07 6.61 11.25
N CYS B 432 17.30 7.45 12.26
CA CYS B 432 17.87 8.77 12.02
C CYS B 432 19.20 8.68 11.27
N GLN B 433 20.11 7.85 11.78
CA GLN B 433 21.43 7.73 11.18
C GLN B 433 21.40 7.12 9.78
N VAL B 434 20.48 6.19 9.55
CA VAL B 434 20.33 5.65 8.20
C VAL B 434 19.89 6.73 7.21
N LEU B 435 18.93 7.56 7.64
CA LEU B 435 18.43 8.68 6.84
C LEU B 435 19.51 9.74 6.56
N VAL B 436 20.25 10.11 7.59
CA VAL B 436 21.34 11.08 7.45
C VAL B 436 22.37 10.54 6.48
N ASP B 437 22.72 9.26 6.63
CA ASP B 437 23.73 8.63 5.78
C ASP B 437 23.26 8.55 4.33
N ASP B 438 21.96 8.32 4.13
CA ASP B 438 21.38 8.36 2.79
C ASP B 438 21.49 9.75 2.17
N LEU B 439 21.17 10.79 2.95
CA LEU B 439 21.29 12.16 2.47
C LEU B 439 22.76 12.51 2.23
N ALA B 440 23.64 12.02 3.09
CA ALA B 440 25.07 12.36 3.02
C ALA B 440 25.73 11.81 1.74
N ALA B 441 25.10 10.82 1.13
CA ALA B 441 25.67 10.21 -0.07
C ALA B 441 25.72 11.22 -1.23
N ILE B 442 24.92 12.27 -1.13
CA ILE B 442 24.72 13.23 -2.21
C ILE B 442 25.02 14.65 -1.76
N HIS B 443 24.75 14.95 -0.50
CA HIS B 443 25.05 16.27 0.04
C HIS B 443 25.63 16.15 1.44
N PRO B 444 26.88 15.65 1.54
CA PRO B 444 27.52 15.42 2.84
C PRO B 444 27.66 16.70 3.65
N THR B 445 27.84 17.84 3.00
CA THR B 445 27.91 19.12 3.72
C THR B 445 26.61 19.38 4.52
N PHE B 446 25.47 19.18 3.87
CA PHE B 446 24.16 19.37 4.52
C PHE B 446 23.99 18.36 5.65
N ALA B 447 24.27 17.10 5.37
CA ALA B 447 24.08 16.05 6.35
C ALA B 447 24.94 16.26 7.60
N SER B 448 26.07 16.95 7.44
CA SER B 448 26.99 17.13 8.56
C SER B 448 26.33 17.88 9.71
N TYR B 449 25.32 18.68 9.40
CA TYR B 449 24.61 19.44 10.43
C TYR B 449 23.47 18.69 11.07
N LEU B 450 23.21 17.47 10.61
CA LEU B 450 22.05 16.72 11.11
C LEU B 450 22.40 15.97 12.37
N LEU B 451 22.73 16.72 13.43
CA LEU B 451 23.06 16.13 14.72
C LEU B 451 22.08 16.66 15.75
N PRO B 452 21.63 15.82 16.70
CA PRO B 452 20.66 16.36 17.66
C PRO B 452 21.36 17.21 18.70
N VAL B 453 20.65 18.18 19.28
CA VAL B 453 21.15 19.00 20.37
C VAL B 453 21.83 18.12 21.41
N ASP B 454 23.03 18.52 21.84
CA ASP B 454 23.81 17.79 22.86
C ASP B 454 24.09 16.31 22.52
N GLY B 455 23.97 15.94 21.25
CA GLY B 455 24.16 14.56 20.85
C GLY B 455 23.17 13.57 21.46
N ASP B 456 22.00 14.06 21.85
CA ASP B 456 20.98 13.26 22.53
C ASP B 456 19.86 12.89 21.57
N TYR B 457 19.96 11.70 20.98
CA TYR B 457 19.00 11.24 20.00
C TYR B 457 17.69 10.82 20.67
N GLU B 458 17.72 10.56 21.96
CA GLU B 458 16.51 10.15 22.65
C GLU B 458 15.55 11.32 22.83
N ARG B 459 16.10 12.49 23.10
CA ARG B 459 15.28 13.66 23.40
C ARG B 459 14.95 14.48 22.15
N TYR B 460 15.92 14.58 21.25
CA TYR B 460 15.81 15.59 20.21
C TYR B 460 15.59 15.02 18.82
N VAL B 461 15.15 13.76 18.79
CA VAL B 461 14.65 13.14 17.58
C VAL B 461 13.26 12.56 17.89
N LEU B 462 12.28 12.93 17.08
CA LEU B 462 10.93 12.46 17.27
C LEU B 462 10.44 11.90 15.95
N HIS B 463 9.90 10.68 15.97
CA HIS B 463 9.37 10.09 14.75
C HIS B 463 8.05 9.38 14.96
N HIS B 464 7.33 9.14 13.87
CA HIS B 464 6.05 8.45 13.96
C HIS B 464 5.65 7.85 12.62
N ASP B 465 5.17 6.61 12.68
CA ASP B 465 4.57 5.94 11.54
C ASP B 465 3.06 5.87 11.77
N TRP B 466 2.30 6.52 10.90
CA TRP B 466 0.86 6.58 11.09
C TRP B 466 0.18 5.25 10.73
N LEU B 467 0.78 4.51 9.80
CA LEU B 467 0.18 3.27 9.31
C LEU B 467 0.05 2.23 10.42
N THR B 468 1.06 2.13 11.27
CA THR B 468 1.06 1.17 12.37
C THR B 468 0.54 1.77 13.68
N ASP B 469 0.09 3.03 13.66
CA ASP B 469 -0.54 3.63 14.85
C ASP B 469 -1.96 3.04 14.96
N PRO B 470 -2.23 2.28 16.04
CA PRO B 470 -3.52 1.59 16.13
C PRO B 470 -4.67 2.54 16.43
N HIS B 471 -4.36 3.78 16.82
CA HIS B 471 -5.41 4.77 17.00
C HIS B 471 -5.77 5.45 15.67
N SER B 472 -4.99 5.16 14.62
CA SER B 472 -5.23 5.77 13.31
C SER B 472 -5.39 4.70 12.21
N ALA B 473 -4.51 3.70 12.24
CA ALA B 473 -4.49 2.63 11.24
C ALA B 473 -4.31 3.15 9.81
N GLY B 474 -3.52 4.21 9.65
CA GLY B 474 -3.34 4.86 8.37
C GLY B 474 -3.21 6.36 8.55
N ALA B 475 -2.56 7.03 7.61
CA ALA B 475 -2.33 8.48 7.72
C ALA B 475 -3.56 9.29 7.30
N PHE B 476 -4.02 9.10 6.08
CA PHE B 476 -5.21 9.80 5.61
C PHE B 476 -5.82 9.08 4.41
N LYS B 477 -7.09 9.34 4.15
CA LYS B 477 -7.70 8.68 3.02
C LYS B 477 -7.34 9.33 1.69
N LEU B 478 -7.12 8.47 0.70
CA LEU B 478 -6.82 8.89 -0.67
C LEU B 478 -7.38 7.81 -1.57
N ASN B 479 -8.50 8.08 -2.25
CA ASN B 479 -9.16 7.09 -3.09
C ASN B 479 -8.30 6.63 -4.26
N TYR B 480 -8.38 5.33 -4.56
CA TYR B 480 -7.90 4.79 -5.84
C TYR B 480 -8.90 5.10 -6.97
N PRO B 481 -8.49 4.91 -8.24
CA PRO B 481 -9.45 5.08 -9.33
C PRO B 481 -10.68 4.22 -9.11
N GLY B 482 -11.85 4.74 -9.46
CA GLY B 482 -13.10 4.01 -9.28
C GLY B 482 -13.72 4.12 -7.90
N GLU B 483 -13.03 4.78 -6.98
CA GLU B 483 -13.48 4.81 -5.59
C GLU B 483 -13.97 6.16 -5.07
N ASP B 484 -14.14 7.14 -5.94
CA ASP B 484 -14.62 8.44 -5.47
C ASP B 484 -16.05 8.32 -4.91
N VAL B 485 -16.79 7.32 -5.37
CA VAL B 485 -18.15 7.14 -4.88
C VAL B 485 -18.19 6.85 -3.37
N TYR B 486 -17.11 6.25 -2.84
CA TYR B 486 -16.98 6.02 -1.42
C TYR B 486 -16.97 7.34 -0.66
N SER B 487 -16.25 8.34 -1.17
CA SER B 487 -16.24 9.68 -0.57
C SER B 487 -17.64 10.27 -0.56
N GLN B 488 -18.37 10.09 -1.67
CA GLN B 488 -19.76 10.55 -1.78
C GLN B 488 -20.64 9.90 -0.70
N ARG B 489 -20.53 8.58 -0.58
CA ARG B 489 -21.36 7.82 0.35
C ARG B 489 -21.05 8.19 1.79
N LEU B 490 -19.77 8.34 2.10
CA LEU B 490 -19.35 8.67 3.46
C LEU B 490 -19.69 10.13 3.82
N PHE B 491 -19.54 11.02 2.85
CA PHE B 491 -19.81 12.44 3.09
C PHE B 491 -21.31 12.67 3.30
N PHE B 492 -22.13 12.02 2.50
CA PHE B 492 -23.59 12.22 2.58
C PHE B 492 -24.31 11.29 3.56
N GLN B 493 -23.55 10.51 4.31
CA GLN B 493 -24.13 9.60 5.32
C GLN B 493 -24.93 10.31 6.43
N PRO B 494 -24.41 11.44 6.96
CA PRO B 494 -25.23 12.13 7.97
C PRO B 494 -26.49 12.77 7.39
N MET B 495 -26.58 12.87 6.06
CA MET B 495 -27.82 13.35 5.45
C MET B 495 -28.96 12.33 5.53
N THR B 496 -28.69 11.17 6.13
CA THR B 496 -29.76 10.23 6.48
C THR B 496 -30.74 10.88 7.48
N ALA B 497 -30.25 11.82 8.26
CA ALA B 497 -31.09 12.58 9.16
C ALA B 497 -32.21 13.32 8.42
N ASN B 498 -32.02 13.56 7.13
CA ASN B 498 -33.10 14.11 6.30
C ASN B 498 -34.16 13.07 5.95
N SER B 499 -33.90 11.80 6.26
CA SER B 499 -34.80 10.70 5.90
C SER B 499 -34.97 9.73 7.05
N PRO B 500 -35.94 9.98 7.93
CA PRO B 500 -36.15 9.28 9.21
C PRO B 500 -36.12 7.76 9.09
N ASN B 501 -36.48 7.24 7.92
CA ASN B 501 -36.44 5.80 7.67
C ASN B 501 -35.04 5.26 7.45
N LYS B 502 -34.12 6.13 7.06
CA LYS B 502 -32.74 5.73 6.83
C LYS B 502 -31.89 6.13 8.03
N ASP B 503 -32.46 6.95 8.92
CA ASP B 503 -31.72 7.48 10.06
C ASP B 503 -31.63 6.48 11.23
N THR B 504 -30.45 5.87 11.38
CA THR B 504 -30.20 4.89 12.44
C THR B 504 -29.70 5.52 13.74
N GLY B 505 -29.57 6.84 13.76
CA GLY B 505 -29.15 7.53 14.97
C GLY B 505 -27.64 7.60 15.13
N LEU B 506 -26.93 7.06 14.14
CA LEU B 506 -25.46 7.09 14.12
C LEU B 506 -24.98 7.75 12.83
N TYR B 507 -24.01 8.67 12.96
CA TYR B 507 -23.48 9.40 11.82
C TYR B 507 -21.96 9.32 11.76
N LEU B 508 -21.43 9.15 10.55
CA LEU B 508 -19.99 9.07 10.31
C LEU B 508 -19.41 10.45 10.09
N ALA B 509 -18.17 10.65 10.51
CA ALA B 509 -17.49 11.92 10.36
C ALA B 509 -15.96 11.71 10.45
N GLY B 510 -15.22 12.81 10.33
CA GLY B 510 -13.77 12.75 10.20
C GLY B 510 -13.38 12.96 8.74
N CYS B 511 -12.15 13.43 8.48
CA CYS B 511 -11.77 13.74 7.10
C CYS B 511 -11.74 12.50 6.23
N SER B 512 -11.59 11.33 6.86
CA SER B 512 -11.65 10.07 6.12
C SER B 512 -13.00 9.82 5.48
N CYS B 513 -14.04 10.44 6.05
CA CYS B 513 -15.40 10.34 5.48
C CYS B 513 -15.79 11.58 4.68
N SER B 514 -14.80 12.34 4.22
CA SER B 514 -15.08 13.58 3.50
C SER B 514 -14.63 13.50 2.05
N PHE B 515 -14.75 14.63 1.35
CA PHE B 515 -14.16 14.74 0.03
C PHE B 515 -12.71 15.21 0.12
N ALA B 516 -12.29 15.62 1.31
CA ALA B 516 -10.93 16.11 1.52
C ALA B 516 -10.19 15.27 2.55
N GLY B 517 -9.96 14.00 2.24
CA GLY B 517 -9.17 13.15 3.11
C GLY B 517 -7.77 13.72 3.27
N GLY B 518 -7.25 13.74 4.49
CA GLY B 518 -5.92 14.29 4.72
C GLY B 518 -5.82 15.81 4.78
N TRP B 519 -6.96 16.46 4.91
CA TRP B 519 -7.06 17.91 5.10
C TRP B 519 -8.02 18.18 6.25
N ILE B 520 -7.63 19.03 7.21
CA ILE B 520 -8.52 19.35 8.32
C ILE B 520 -9.88 19.91 7.89
N GLU B 521 -9.90 20.60 6.75
CA GLU B 521 -11.15 21.03 6.12
C GLU B 521 -12.18 19.89 6.08
N GLY B 522 -11.76 18.70 5.67
CA GLY B 522 -12.66 17.54 5.63
C GLY B 522 -13.24 17.19 6.99
N ALA B 523 -12.40 17.28 8.01
CA ALA B 523 -12.82 17.01 9.38
C ALA B 523 -13.88 18.02 9.82
N VAL B 524 -13.68 19.27 9.43
CA VAL B 524 -14.57 20.34 9.85
C VAL B 524 -15.92 20.22 9.16
N GLN B 525 -15.89 20.02 7.84
CA GLN B 525 -17.12 19.89 7.07
C GLN B 525 -17.98 18.72 7.58
N THR B 526 -17.36 17.56 7.77
CA THR B 526 -18.07 16.37 8.24
C THR B 526 -18.56 16.54 9.67
N ALA B 527 -17.81 17.30 10.46
CA ALA B 527 -18.22 17.63 11.82
C ALA B 527 -19.51 18.44 11.78
N LEU B 528 -19.56 19.40 10.86
CA LEU B 528 -20.74 20.25 10.73
C LEU B 528 -21.95 19.46 10.21
N ASN B 529 -21.72 18.59 9.24
CA ASN B 529 -22.80 17.78 8.71
C ASN B 529 -23.36 16.85 9.77
N SER B 530 -22.47 16.20 10.52
CA SER B 530 -22.89 15.23 11.52
C SER B 530 -23.53 15.91 12.74
N ALA B 531 -23.03 17.08 13.10
CA ALA B 531 -23.63 17.85 14.19
C ALA B 531 -25.03 18.32 13.80
N CYS B 532 -25.18 18.82 12.58
CA CYS B 532 -26.50 19.18 12.05
C CYS B 532 -27.48 18.00 12.05
N ALA B 533 -26.98 16.82 11.66
CA ALA B 533 -27.78 15.61 11.64
C ALA B 533 -28.33 15.28 13.02
N VAL B 534 -27.46 15.35 14.03
CA VAL B 534 -27.87 15.11 15.40
C VAL B 534 -29.02 16.05 15.80
N LEU B 535 -28.87 17.35 15.55
CA LEU B 535 -29.92 18.32 15.84
C LEU B 535 -31.24 17.98 15.14
N ARG B 536 -31.19 17.78 13.83
CA ARG B 536 -32.41 17.56 13.04
C ARG B 536 -33.10 16.25 13.41
N SER B 537 -32.30 15.21 13.62
CA SER B 537 -32.83 13.90 13.96
C SER B 537 -33.55 13.88 15.30
N THR B 538 -33.20 14.82 16.17
CA THR B 538 -33.72 14.81 17.53
C THR B 538 -34.70 15.97 17.74
N GLY B 539 -35.26 16.46 16.65
CA GLY B 539 -36.32 17.45 16.74
C GLY B 539 -35.89 18.90 16.81
N GLY B 540 -34.60 19.17 16.62
CA GLY B 540 -34.12 20.54 16.60
C GLY B 540 -34.29 21.16 15.22
N GLN B 541 -34.17 22.48 15.14
CA GLN B 541 -34.25 23.14 13.84
C GLN B 541 -32.94 23.78 13.44
N LEU B 542 -32.62 23.71 12.16
CA LEU B 542 -31.32 24.16 11.71
C LEU B 542 -31.38 25.58 11.19
N SER B 543 -30.26 26.29 11.37
CA SER B 543 -30.11 27.63 10.82
C SER B 543 -30.17 27.59 9.30
N LYS B 544 -30.71 28.65 8.70
CA LYS B 544 -30.77 28.74 7.26
C LYS B 544 -29.34 28.71 6.71
N GLY B 545 -29.18 28.10 5.54
CA GLY B 545 -27.86 27.96 4.94
C GLY B 545 -27.12 26.71 5.40
N ASN B 546 -27.76 25.86 6.18
CA ASN B 546 -27.07 24.68 6.73
C ASN B 546 -26.69 23.69 5.63
N PRO B 547 -25.67 22.86 5.87
CA PRO B 547 -25.22 21.95 4.81
C PRO B 547 -26.25 20.88 4.47
N LEU B 548 -27.05 20.46 5.45
CA LEU B 548 -28.04 19.40 5.21
C LEU B 548 -29.11 19.82 4.21
N ASP B 549 -29.45 21.10 4.18
CA ASP B 549 -30.44 21.56 3.21
C ASP B 549 -29.83 22.15 1.95
N CYS B 550 -28.61 22.67 2.04
CA CYS B 550 -28.07 23.51 0.99
C CYS B 550 -27.07 22.84 0.06
N ILE B 551 -26.58 21.67 0.46
CA ILE B 551 -25.77 20.87 -0.45
C ILE B 551 -26.69 19.99 -1.29
N ASN B 552 -26.74 20.27 -2.60
CA ASN B 552 -27.60 19.49 -3.50
C ASN B 552 -26.86 18.94 -4.71
N ALA B 553 -25.53 18.96 -4.64
CA ALA B 553 -24.67 18.54 -5.74
C ALA B 553 -24.96 17.09 -6.14
N SER B 554 -25.03 16.81 -7.44
CA SER B 554 -25.50 15.51 -7.90
C SER B 554 -24.54 14.83 -8.88
N TYR B 555 -23.28 14.65 -8.47
CA TYR B 555 -22.28 14.12 -9.40
C TYR B 555 -22.36 12.59 -9.57
N ARG B 556 -21.88 12.09 -10.71
CA ARG B 556 -21.70 10.66 -10.88
C ARG B 556 -20.21 10.36 -10.94
N TYR B 557 -19.76 9.48 -10.04
CA TYR B 557 -18.34 9.16 -9.92
C TYR B 557 -17.98 7.79 -10.48
#